data_7S05
#
_entry.id   7S05
#
_cell.length_a   1.00
_cell.length_b   1.00
_cell.length_c   1.00
_cell.angle_alpha   90.00
_cell.angle_beta   90.00
_cell.angle_gamma   90.00
#
_symmetry.space_group_name_H-M   'P 1'
#
loop_
_entity.id
_entity.type
_entity.pdbx_description
1 polymer 'N-acetylglucosamine-1-phosphotransferase subunits alpha/beta'
2 branched 2-acetamido-2-deoxy-beta-D-glucopyranose-(1-4)-2-acetamido-2-deoxy-beta-D-glucopyranose
3 non-polymer 2-acetamido-2-deoxy-beta-D-glucopyranose
4 non-polymer 'CALCIUM ION'
#
_entity_poly.entity_id   1
_entity_poly.type   'polypeptide(L)'
_entity_poly.pdbx_seq_one_letter_code
;DEDQVDPRLIDGKWSRDQYHVLFDSYRDNIAGKSFQNRLCLPMPIDVVYTWVNGTDLELLKELQQVREQMEEEQKAMREI
LGKNTTEPTKKSEKQLECLLTHCIKVPMLVLDPALPANITLKDLPSLYPSFHSASDIFNVAKPKNPSTNVSVVVFDSTKD
VEDAHSGLLKGNSRQTVWRGYLTTDKEVPGLVLMQDLAFLSGFPPTFKETNQLKTKLPENLSSKVKLLQLYSEASVALLK
LNNPKDFQELNKQTKKNMTIDGKELTISPAYLLWDLSAISQSKQDEDISASRFEDNEELRYSLRSIERHAPWVRNIFIVT
NGQIPSWLNLDNPRVTIVTHQDVFRNLSHLPTFSSPAIESHIHRIEGLSQKFIYLNDDVMFGKDVWPDDFYSHSKGQKVY
LTWPVPNCAEGCPGSWIKDGYCDKACNNSACDWDGGDCSGNSGGSRYIAGGGGTGSIGVGQPWQFGGGINSVSYCNQGCA
NSWLADKFCDQACNVLSCGFDAGDCGQDHFHELYKVILLPNQTHYIIPKGECLPYFSFAEVAKRGVEGAYSDNPIIRHAS
IANKWKTIHLIMHSGMNATTIHFNLTFQNTNDEEFKMQITVEVDTREGPKLNSTAQKGYENLVSPITLLPEAEILFEDIP
KEKRFPKFKRHDVNSTRRAQEEVKIPLVNISLLPKDAQLSLNTLDLQLEHGDITLKGYNLSKSALLRSFLMNSQHAKIKN
QAIITDETNDSLVAPQEKQVHKSILPNSLGVSERLQRLTFPAVSVKVNGHDQGQNPPLDLETTARFRVETHTQKTIGGNV
TKEKPPSLIVPLESQMTKEKKITGKEKENSRMEENAENHIGVTEVLLGRKLQHYTDSYLGFLPWEKKKYFQDLLDEEESL
KTQLAYFTDSKNRARYKRDTFADSLRYVNKILNSKFGFTSRKVPAHMPHMIDRIVMQELQDMFPEEFDKTSFHKVRHSED
MQFAFSYFYYLMSAVQPLNISQVFDEVDTDQSGVLSDREIRTLATRIHELPLSLQDLTGLEHMLINCSKMLPADITQLNN
IPPTQESYYDPNLPPVTKSLVTNCKPVTDKIHKAYKDKNKYRFEIMGEEEIAFKMIRTNVSHVVGQLDDIRKNPRKFVCL
NDNIDHNHKDAQTVKAVLRDFYESMFPIPSQFELPREYRNRFLHMHELQEWRAYRDKLK
;
_entity_poly.pdbx_strand_id   B,A
#
loop_
_chem_comp.id
_chem_comp.type
_chem_comp.name
_chem_comp.formula
CA non-polymer 'CALCIUM ION' 'Ca 2'
NAG D-saccharide, beta linking 2-acetamido-2-deoxy-beta-D-glucopyranose 'C8 H15 N O6'
#
# COMPACT_ATOMS: atom_id res chain seq x y z
N TYR A 19 4.45 -24.12 -12.94
CA TYR A 19 5.28 -25.30 -12.75
C TYR A 19 5.38 -25.60 -11.25
N HIS A 20 5.85 -26.81 -10.91
CA HIS A 20 5.85 -27.22 -9.51
C HIS A 20 6.81 -26.41 -8.66
N VAL A 21 7.91 -25.92 -9.23
CA VAL A 21 8.85 -25.11 -8.47
C VAL A 21 8.21 -23.80 -8.04
N LEU A 22 7.37 -23.23 -8.90
CA LEU A 22 6.65 -22.01 -8.54
C LEU A 22 5.68 -22.27 -7.39
N PHE A 23 5.02 -23.43 -7.40
CA PHE A 23 4.10 -23.77 -6.31
C PHE A 23 4.87 -24.04 -5.03
N ASP A 24 6.03 -24.69 -5.13
CA ASP A 24 6.84 -25.02 -3.96
C ASP A 24 7.73 -23.87 -3.50
N SER A 25 7.72 -22.75 -4.22
CA SER A 25 8.49 -21.58 -3.85
C SER A 25 7.79 -20.70 -2.83
N TYR A 26 6.48 -20.86 -2.65
CA TYR A 26 5.76 -20.17 -1.59
C TYR A 26 5.84 -20.89 -0.26
N ARG A 27 6.37 -22.11 -0.25
CA ARG A 27 6.62 -22.86 0.97
C ARG A 27 8.10 -22.95 1.28
N ASP A 28 8.89 -22.05 0.69
CA ASP A 28 10.33 -21.99 0.88
C ASP A 28 10.72 -21.11 2.07
N ASN A 29 9.74 -20.60 2.81
CA ASN A 29 10.01 -19.76 3.96
C ASN A 29 10.42 -20.59 5.17
N ILE A 30 10.70 -19.89 6.28
CA ILE A 30 11.15 -20.57 7.49
C ILE A 30 10.02 -21.40 8.10
N ALA A 31 8.80 -20.87 8.08
CA ALA A 31 7.67 -21.59 8.66
C ALA A 31 7.37 -22.87 7.90
N GLY A 32 7.47 -22.83 6.58
CA GLY A 32 7.13 -23.96 5.74
C GLY A 32 5.72 -23.96 5.22
N LYS A 33 4.96 -22.89 5.45
CA LYS A 33 3.59 -22.78 4.98
C LYS A 33 3.55 -21.93 3.72
N SER A 34 2.34 -21.70 3.22
CA SER A 34 2.12 -20.88 2.03
C SER A 34 1.30 -19.67 2.41
N PHE A 35 1.75 -18.49 1.98
CA PHE A 35 1.09 -17.23 2.27
C PHE A 35 0.63 -16.54 1.00
N GLN A 36 0.04 -17.31 0.08
CA GLN A 36 -0.50 -16.72 -1.15
C GLN A 36 -1.65 -15.77 -0.85
N ASN A 37 -2.52 -16.15 0.10
CA ASN A 37 -3.70 -15.34 0.39
C ASN A 37 -3.35 -14.00 1.03
N ARG A 38 -2.13 -13.82 1.51
CA ARG A 38 -1.70 -12.58 2.15
C ARG A 38 -0.68 -11.81 1.32
N LEU A 39 -0.26 -12.35 0.18
CA LEU A 39 0.80 -11.74 -0.61
C LEU A 39 0.42 -11.45 -2.06
N CYS A 40 -0.62 -12.10 -2.61
CA CYS A 40 -0.94 -12.01 -4.02
C CYS A 40 -2.25 -11.29 -4.34
N LEU A 41 -2.73 -10.43 -3.42
CA LEU A 41 -3.88 -9.56 -3.67
C LEU A 41 -5.17 -10.36 -3.89
N PRO A 42 -6.34 -9.74 -3.71
CA PRO A 42 -7.59 -10.45 -4.01
C PRO A 42 -7.79 -10.60 -5.51
N MET A 43 -7.80 -11.86 -5.96
CA MET A 43 -8.10 -12.18 -7.35
C MET A 43 -9.08 -13.35 -7.31
N PRO A 44 -9.97 -13.50 -8.30
CA PRO A 44 -10.19 -12.64 -9.47
C PRO A 44 -11.00 -11.39 -9.15
N ILE A 45 -10.95 -10.40 -10.05
CA ILE A 45 -11.71 -9.16 -9.92
C ILE A 45 -12.48 -8.95 -11.21
N ASP A 46 -13.77 -8.68 -11.10
CA ASP A 46 -14.65 -8.47 -12.25
C ASP A 46 -15.03 -7.00 -12.35
N VAL A 47 -15.62 -6.65 -13.48
CA VAL A 47 -16.08 -5.29 -13.75
C VAL A 47 -17.53 -5.35 -14.17
N VAL A 48 -18.34 -4.46 -13.58
CA VAL A 48 -19.79 -4.42 -13.82
C VAL A 48 -20.12 -3.06 -14.41
N TYR A 49 -20.88 -3.06 -15.50
CA TYR A 49 -21.29 -1.84 -16.18
C TYR A 49 -22.80 -1.72 -16.15
N THR A 50 -23.31 -0.49 -16.13
CA THR A 50 -24.73 -0.21 -16.27
C THR A 50 -24.92 0.61 -17.54
N TRP A 51 -25.56 0.02 -18.55
CA TRP A 51 -25.72 0.64 -19.86
C TRP A 51 -27.20 0.79 -20.17
N VAL A 52 -27.58 1.97 -20.66
CA VAL A 52 -28.95 2.25 -21.10
C VAL A 52 -28.89 2.89 -22.48
N ASN A 53 -29.85 2.54 -23.33
CA ASN A 53 -29.95 3.10 -24.67
C ASN A 53 -31.23 3.90 -24.80
N GLY A 54 -31.15 5.03 -25.52
CA GLY A 54 -32.31 5.87 -25.74
C GLY A 54 -33.11 5.48 -26.97
N THR A 55 -33.68 4.28 -26.95
CA THR A 55 -34.48 3.79 -28.06
C THR A 55 -35.93 4.27 -27.93
N ASP A 56 -36.71 4.02 -28.99
CA ASP A 56 -38.09 4.49 -29.02
C ASP A 56 -38.95 3.76 -28.00
N LEU A 57 -38.79 2.43 -27.88
CA LEU A 57 -39.62 1.66 -26.97
C LEU A 57 -39.38 2.05 -25.52
N GLU A 58 -38.12 2.22 -25.14
CA GLU A 58 -37.80 2.62 -23.77
C GLU A 58 -38.32 4.02 -23.47
N LEU A 59 -38.20 4.94 -24.42
CA LEU A 59 -38.75 6.28 -24.24
C LEU A 59 -40.27 6.24 -24.10
N LEU A 60 -40.94 5.39 -24.88
CA LEU A 60 -42.38 5.23 -24.73
C LEU A 60 -42.74 4.71 -23.35
N LYS A 61 -42.00 3.71 -22.86
CA LYS A 61 -42.27 3.17 -21.54
C LYS A 61 -42.06 4.24 -20.46
N GLU A 62 -41.02 5.05 -20.61
CA GLU A 62 -40.80 6.17 -19.70
C GLU A 62 -41.96 7.15 -19.75
N LEU A 63 -42.49 7.42 -20.94
CA LEU A 63 -43.63 8.32 -21.06
C LEU A 63 -44.86 7.76 -20.34
N GLN A 64 -45.12 6.46 -20.50
CA GLN A 64 -46.23 5.84 -19.78
C GLN A 64 -46.03 5.94 -18.27
N GLN A 65 -44.81 5.71 -17.81
CA GLN A 65 -44.55 5.78 -16.37
C GLN A 65 -44.75 7.19 -15.84
N VAL A 66 -44.30 8.21 -16.59
CA VAL A 66 -44.51 9.60 -16.18
C VAL A 66 -45.98 9.96 -16.18
N ARG A 67 -46.74 9.45 -17.16
CA ARG A 67 -48.18 9.66 -17.17
C ARG A 67 -48.83 9.05 -15.94
N GLU A 68 -48.40 7.84 -15.57
CA GLU A 68 -48.92 7.21 -14.35
C GLU A 68 -48.56 8.02 -13.11
N GLN A 69 -47.35 8.57 -13.06
CA GLN A 69 -46.95 9.41 -11.94
C GLN A 69 -47.87 10.63 -11.82
N MET A 70 -48.13 11.29 -12.96
CA MET A 70 -49.02 12.45 -12.95
C MET A 70 -50.44 12.07 -12.54
N GLU A 71 -50.92 10.91 -12.99
CA GLU A 71 -52.25 10.44 -12.60
C GLU A 71 -52.29 10.17 -11.09
N GLU A 72 -51.23 9.60 -10.54
CA GLU A 72 -51.19 9.35 -9.10
C GLU A 72 -51.19 10.67 -8.32
N GLU A 73 -50.45 11.66 -8.80
CA GLU A 73 -50.47 12.97 -8.14
C GLU A 73 -51.87 13.58 -8.19
N GLN A 74 -52.53 13.47 -9.35
CA GLN A 74 -53.89 14.00 -9.47
C GLN A 74 -54.85 13.29 -8.54
N LYS A 75 -54.72 11.96 -8.42
CA LYS A 75 -55.59 11.21 -7.51
C LYS A 75 -55.33 11.59 -6.06
N ALA A 76 -54.07 11.80 -5.70
CA ALA A 76 -53.77 12.25 -4.34
C ALA A 76 -54.37 13.62 -4.05
N MET A 77 -54.29 14.56 -5.00
CA MET A 77 -54.88 15.86 -4.76
C MET A 77 -56.40 15.80 -4.81
N ARG A 78 -56.97 14.82 -5.53
CA ARG A 78 -58.40 14.56 -5.44
C ARG A 78 -58.79 14.08 -4.05
N GLU A 79 -57.97 13.20 -3.46
CA GLU A 79 -58.16 12.83 -2.06
C GLU A 79 -58.09 14.05 -1.16
N ILE A 80 -57.20 14.99 -1.50
CA ILE A 80 -57.16 16.27 -0.77
C ILE A 80 -58.48 17.02 -0.97
N LEU A 81 -58.99 17.03 -2.19
CA LEU A 81 -60.27 17.68 -2.49
C LEU A 81 -61.41 17.03 -1.70
N PHE A 293 -30.52 10.59 -24.85
CA PHE A 293 -30.97 10.43 -26.22
C PHE A 293 -29.81 10.05 -27.14
N GLU A 294 -28.73 10.82 -27.05
CA GLU A 294 -27.53 10.57 -27.85
C GLU A 294 -26.36 10.34 -26.92
N ASP A 295 -25.64 9.24 -27.13
CA ASP A 295 -24.47 8.88 -26.35
C ASP A 295 -23.24 8.90 -27.26
N ASN A 296 -22.14 9.45 -26.74
CA ASN A 296 -20.91 9.49 -27.53
C ASN A 296 -20.17 8.17 -27.42
N GLU A 297 -20.90 7.06 -27.61
CA GLU A 297 -20.37 5.70 -27.51
C GLU A 297 -19.40 5.55 -26.35
N GLU A 298 -19.76 6.08 -25.18
CA GLU A 298 -18.85 6.10 -24.04
C GLU A 298 -18.61 4.73 -23.44
N LEU A 299 -19.43 3.73 -23.75
CA LEU A 299 -19.14 2.35 -23.37
C LEU A 299 -18.02 1.75 -24.19
N ARG A 300 -17.95 2.06 -25.50
CA ARG A 300 -16.88 1.54 -26.34
C ARG A 300 -15.51 1.95 -25.81
N TYR A 301 -15.31 3.25 -25.58
CA TYR A 301 -14.03 3.75 -25.11
C TYR A 301 -13.73 3.32 -23.68
N SER A 302 -14.76 3.20 -22.84
CA SER A 302 -14.55 2.70 -21.49
C SER A 302 -14.08 1.25 -21.50
N LEU A 303 -14.66 0.42 -22.37
CA LEU A 303 -14.19 -0.96 -22.50
C LEU A 303 -12.77 -1.00 -23.05
N ARG A 304 -12.45 -0.11 -24.00
CA ARG A 304 -11.08 -0.01 -24.48
C ARG A 304 -10.12 0.34 -23.35
N SER A 305 -10.53 1.27 -22.48
CA SER A 305 -9.71 1.61 -21.33
C SER A 305 -9.56 0.44 -20.38
N ILE A 306 -10.63 -0.35 -20.19
CA ILE A 306 -10.53 -1.57 -19.39
C ILE A 306 -9.47 -2.49 -19.96
N GLU A 307 -9.51 -2.71 -21.28
CA GLU A 307 -8.56 -3.64 -21.89
C GLU A 307 -7.13 -3.11 -21.85
N ARG A 308 -6.95 -1.80 -21.99
CA ARG A 308 -5.61 -1.23 -22.11
C ARG A 308 -4.96 -0.98 -20.75
N HIS A 309 -5.67 -0.31 -19.84
CA HIS A 309 -5.07 0.12 -18.59
C HIS A 309 -5.27 -0.86 -17.45
N ALA A 310 -6.32 -1.68 -17.48
CA ALA A 310 -6.62 -2.65 -16.43
C ALA A 310 -6.83 -4.02 -17.04
N PRO A 311 -5.77 -4.65 -17.56
CA PRO A 311 -5.91 -5.94 -18.23
C PRO A 311 -5.94 -7.14 -17.31
N TRP A 312 -6.10 -6.94 -16.00
CA TRP A 312 -6.16 -8.03 -15.03
C TRP A 312 -7.57 -8.42 -14.66
N VAL A 313 -8.57 -7.90 -15.37
CA VAL A 313 -9.97 -8.19 -15.07
C VAL A 313 -10.35 -9.52 -15.68
N ARG A 314 -11.02 -10.36 -14.88
CA ARG A 314 -11.38 -11.70 -15.33
C ARG A 314 -12.56 -11.66 -16.30
N ASN A 315 -13.71 -11.15 -15.85
CA ASN A 315 -14.90 -11.08 -16.67
C ASN A 315 -15.51 -9.70 -16.55
N ILE A 316 -16.29 -9.33 -17.57
CA ILE A 316 -16.98 -8.04 -17.62
C ILE A 316 -18.48 -8.30 -17.73
N PHE A 317 -19.25 -7.68 -16.84
CA PHE A 317 -20.70 -7.83 -16.80
C PHE A 317 -21.34 -6.49 -17.13
N ILE A 318 -22.34 -6.52 -18.00
CA ILE A 318 -23.11 -5.33 -18.36
C ILE A 318 -24.57 -5.63 -18.07
N VAL A 319 -25.19 -4.78 -17.26
CA VAL A 319 -26.59 -4.96 -16.86
C VAL A 319 -27.45 -4.01 -17.68
N THR A 320 -28.44 -4.57 -18.36
CA THR A 320 -29.34 -3.81 -19.23
C THR A 320 -30.76 -4.35 -19.06
N ASN A 321 -31.73 -3.56 -19.50
CA ASN A 321 -33.12 -3.99 -19.46
C ASN A 321 -33.30 -5.28 -20.26
N GLY A 322 -33.14 -5.18 -21.57
CA GLY A 322 -33.04 -6.33 -22.44
C GLY A 322 -32.14 -6.00 -23.61
N GLN A 323 -31.51 -4.84 -23.53
CA GLN A 323 -30.80 -4.26 -24.65
C GLN A 323 -29.37 -4.80 -24.73
N ILE A 324 -28.94 -5.10 -25.94
CA ILE A 324 -27.56 -5.50 -26.19
C ILE A 324 -26.91 -4.43 -27.05
N PRO A 325 -25.72 -3.94 -26.70
CA PRO A 325 -25.06 -2.95 -27.55
C PRO A 325 -24.82 -3.51 -28.95
N SER A 326 -25.03 -2.65 -29.95
CA SER A 326 -24.88 -3.10 -31.34
C SER A 326 -23.43 -3.44 -31.66
N TRP A 327 -22.47 -2.82 -30.98
CA TRP A 327 -21.06 -3.03 -31.24
C TRP A 327 -20.44 -4.12 -30.37
N LEU A 328 -21.20 -4.71 -29.45
CA LEU A 328 -20.66 -5.65 -28.48
C LEU A 328 -20.48 -7.02 -29.11
N ASN A 329 -19.27 -7.56 -28.99
CA ASN A 329 -18.96 -8.90 -29.47
C ASN A 329 -19.38 -9.91 -28.41
N LEU A 330 -20.58 -10.47 -28.57
CA LEU A 330 -21.11 -11.42 -27.60
C LEU A 330 -20.46 -12.80 -27.68
N ASP A 331 -19.73 -13.08 -28.76
CA ASP A 331 -19.05 -14.37 -28.87
C ASP A 331 -17.86 -14.46 -27.92
N ASN A 332 -17.41 -13.34 -27.37
CA ASN A 332 -16.33 -13.35 -26.39
C ASN A 332 -16.84 -13.91 -25.07
N PRO A 333 -16.21 -14.96 -24.52
CA PRO A 333 -16.69 -15.51 -23.24
C PRO A 333 -16.47 -14.60 -22.05
N ARG A 334 -15.66 -13.54 -22.18
CA ARG A 334 -15.32 -12.67 -21.07
C ARG A 334 -16.20 -11.44 -20.99
N VAL A 335 -17.25 -11.35 -21.82
CA VAL A 335 -18.22 -10.28 -21.74
C VAL A 335 -19.62 -10.90 -21.72
N THR A 336 -20.46 -10.42 -20.82
CA THR A 336 -21.79 -10.99 -20.63
C THR A 336 -22.80 -9.88 -20.43
N ILE A 337 -23.98 -10.05 -21.02
CA ILE A 337 -25.11 -9.15 -20.80
C ILE A 337 -26.03 -9.79 -19.77
N VAL A 338 -26.21 -9.13 -18.64
CA VAL A 338 -27.04 -9.63 -17.55
C VAL A 338 -28.31 -8.78 -17.53
N THR A 339 -29.44 -9.41 -17.87
CA THR A 339 -30.70 -8.68 -17.92
C THR A 339 -31.20 -8.34 -16.53
N HIS A 340 -32.33 -7.64 -16.45
CA HIS A 340 -32.94 -7.30 -15.16
C HIS A 340 -33.73 -8.46 -14.56
N GLN A 341 -33.98 -9.52 -15.32
CA GLN A 341 -34.65 -10.69 -14.76
C GLN A 341 -33.80 -11.32 -13.66
N ASP A 342 -32.49 -11.46 -13.92
CA ASP A 342 -31.61 -12.14 -12.98
C ASP A 342 -31.17 -11.21 -11.85
N VAL A 343 -30.95 -9.94 -12.16
CA VAL A 343 -30.46 -9.00 -11.17
C VAL A 343 -31.49 -8.77 -10.06
N PHE A 344 -32.74 -8.51 -10.45
CA PHE A 344 -33.76 -8.16 -9.48
C PHE A 344 -34.31 -9.40 -8.78
N ARG A 345 -34.60 -9.25 -7.50
CA ARG A 345 -35.16 -10.33 -6.69
C ARG A 345 -36.67 -10.41 -6.81
N ASN A 346 -37.36 -9.28 -6.93
CA ASN A 346 -38.82 -9.26 -6.83
C ASN A 346 -39.32 -8.84 -8.20
N LEU A 347 -39.61 -9.83 -9.04
CA LEU A 347 -39.78 -9.63 -10.48
C LEU A 347 -40.98 -8.76 -10.82
N SER A 348 -41.71 -8.27 -9.81
CA SER A 348 -42.74 -7.27 -10.00
C SER A 348 -42.18 -5.86 -9.86
N HIS A 349 -40.87 -5.71 -10.02
CA HIS A 349 -40.19 -4.43 -9.87
C HIS A 349 -39.33 -4.04 -11.07
N LEU A 350 -39.00 -4.96 -11.96
CA LEU A 350 -37.93 -4.83 -12.93
C LEU A 350 -38.14 -3.77 -14.02
N PRO A 351 -39.37 -3.41 -14.42
CA PRO A 351 -39.50 -2.23 -15.30
C PRO A 351 -39.20 -0.96 -14.51
N THR A 352 -37.93 -0.75 -14.20
CA THR A 352 -37.55 0.09 -13.07
C THR A 352 -37.00 1.47 -13.44
N PHE A 353 -36.38 1.63 -14.61
CA PHE A 353 -35.97 2.92 -15.13
C PHE A 353 -35.38 3.88 -14.10
N SER A 354 -34.57 3.37 -13.17
CA SER A 354 -34.01 4.23 -12.14
C SER A 354 -32.67 3.66 -11.66
N SER A 355 -31.62 4.46 -11.82
CA SER A 355 -30.26 3.95 -11.61
C SER A 355 -30.05 3.32 -10.23
N PRO A 356 -30.50 3.91 -9.11
CA PRO A 356 -30.26 3.24 -7.81
C PRO A 356 -30.91 1.87 -7.70
N ALA A 357 -32.06 1.66 -8.35
CA ALA A 357 -32.70 0.36 -8.28
C ALA A 357 -31.87 -0.73 -8.95
N ILE A 358 -31.30 -0.42 -10.13
CA ILE A 358 -30.36 -1.35 -10.74
C ILE A 358 -29.13 -1.50 -9.85
N GLU A 359 -28.63 -0.39 -9.29
CA GLU A 359 -27.44 -0.41 -8.47
C GLU A 359 -27.61 -1.27 -7.22
N SER A 360 -28.85 -1.47 -6.77
CA SER A 360 -29.07 -2.21 -5.53
C SER A 360 -28.57 -3.66 -5.63
N HIS A 361 -28.74 -4.30 -6.78
CA HIS A 361 -28.65 -5.76 -6.86
C HIS A 361 -27.58 -6.26 -7.83
N ILE A 362 -26.45 -5.57 -7.96
CA ILE A 362 -25.34 -6.15 -8.71
C ILE A 362 -24.73 -7.33 -7.95
N HIS A 363 -24.58 -7.18 -6.63
CA HIS A 363 -23.95 -8.23 -5.84
C HIS A 363 -24.69 -9.56 -5.91
N ARG A 364 -25.87 -9.60 -6.55
CA ARG A 364 -26.63 -10.82 -6.71
C ARG A 364 -26.43 -11.45 -8.09
N ILE A 365 -25.47 -10.96 -8.87
CA ILE A 365 -25.17 -11.56 -10.16
C ILE A 365 -24.47 -12.90 -9.93
N GLU A 366 -24.96 -13.95 -10.60
CA GLU A 366 -24.36 -15.27 -10.51
C GLU A 366 -23.06 -15.30 -11.30
N GLY A 367 -22.02 -15.86 -10.69
CA GLY A 367 -20.71 -15.92 -11.29
C GLY A 367 -19.80 -14.74 -10.97
N LEU A 368 -20.35 -13.70 -10.36
CA LEU A 368 -19.57 -12.52 -9.98
C LEU A 368 -18.56 -12.86 -8.89
N SER A 369 -17.35 -12.34 -9.01
CA SER A 369 -16.31 -12.56 -8.01
C SER A 369 -16.66 -11.83 -6.73
N GLN A 370 -16.05 -12.24 -5.62
CA GLN A 370 -16.34 -11.65 -4.31
C GLN A 370 -16.05 -10.16 -4.28
N LYS A 371 -14.96 -9.72 -4.92
CA LYS A 371 -14.65 -8.31 -5.09
C LYS A 371 -14.78 -7.94 -6.56
N PHE A 372 -15.55 -6.90 -6.83
CA PHE A 372 -15.80 -6.47 -8.20
C PHE A 372 -15.77 -4.96 -8.25
N ILE A 373 -15.54 -4.42 -9.44
CA ILE A 373 -15.44 -2.98 -9.67
C ILE A 373 -16.67 -2.54 -10.44
N TYR A 374 -17.32 -1.48 -9.96
CA TYR A 374 -18.54 -0.97 -10.56
C TYR A 374 -18.21 0.25 -11.42
N LEU A 375 -18.39 0.12 -12.72
CA LEU A 375 -18.15 1.18 -13.68
C LEU A 375 -19.49 1.77 -14.12
N ASN A 376 -19.53 3.09 -14.26
CA ASN A 376 -20.77 3.79 -14.53
C ASN A 376 -20.92 4.23 -15.99
N ASP A 377 -20.21 3.56 -16.91
CA ASP A 377 -20.42 3.70 -18.35
C ASP A 377 -19.91 5.03 -18.89
N ASP A 378 -19.50 5.92 -17.99
CA ASP A 378 -18.88 7.18 -18.40
C ASP A 378 -17.53 7.42 -17.75
N VAL A 379 -17.16 6.59 -16.77
CA VAL A 379 -15.84 6.68 -16.13
C VAL A 379 -14.90 5.73 -16.83
N MET A 380 -13.67 6.19 -17.07
CA MET A 380 -12.67 5.42 -17.79
C MET A 380 -11.46 5.23 -16.89
N PHE A 381 -10.38 4.70 -17.45
CA PHE A 381 -9.16 4.50 -16.70
C PHE A 381 -8.01 5.28 -17.33
N GLY A 382 -6.86 5.21 -16.68
CA GLY A 382 -5.67 5.86 -17.17
C GLY A 382 -4.51 5.53 -16.26
N LYS A 383 -3.31 5.77 -16.78
CA LYS A 383 -2.07 5.58 -16.03
C LYS A 383 -1.91 4.14 -15.52
N ASP A 384 -2.55 3.19 -16.20
CA ASP A 384 -2.37 1.75 -15.93
C ASP A 384 -2.70 1.42 -14.47
N VAL A 385 -3.98 1.56 -14.14
CA VAL A 385 -4.42 1.27 -12.78
C VAL A 385 -4.19 -0.20 -12.45
N TRP A 386 -4.10 -0.49 -11.17
CA TRP A 386 -3.81 -1.81 -10.65
C TRP A 386 -4.74 -2.09 -9.48
N PRO A 387 -4.92 -3.36 -9.11
CA PRO A 387 -5.78 -3.66 -7.95
C PRO A 387 -5.26 -3.05 -6.67
N ASP A 388 -4.00 -2.66 -6.62
CA ASP A 388 -3.46 -1.93 -5.48
C ASP A 388 -4.09 -0.55 -5.31
N ASP A 389 -4.79 -0.05 -6.33
CA ASP A 389 -5.42 1.26 -6.28
C ASP A 389 -6.84 1.20 -5.72
N PHE A 390 -7.36 0.01 -5.48
CA PHE A 390 -8.70 -0.17 -4.93
C PHE A 390 -8.73 -0.86 -3.58
N TYR A 391 -7.78 -1.73 -3.28
CA TYR A 391 -7.78 -2.50 -2.05
C TYR A 391 -6.36 -2.88 -1.70
N SER A 392 -6.07 -2.88 -0.40
CA SER A 392 -4.76 -3.29 0.11
C SER A 392 -4.98 -4.29 1.24
N HIS A 393 -4.16 -5.35 1.27
CA HIS A 393 -4.28 -6.35 2.31
C HIS A 393 -4.00 -5.78 3.69
N SER A 394 -3.24 -4.69 3.78
CA SER A 394 -2.85 -4.10 5.05
C SER A 394 -3.85 -3.06 5.54
N LYS A 395 -4.18 -2.09 4.69
CA LYS A 395 -5.05 -0.99 5.08
C LYS A 395 -6.47 -1.13 4.51
N GLY A 396 -6.82 -2.32 4.02
CA GLY A 396 -8.17 -2.57 3.56
C GLY A 396 -8.55 -1.83 2.30
N GLN A 397 -9.85 -1.66 2.06
CA GLN A 397 -10.32 -0.98 0.87
C GLN A 397 -9.91 0.49 0.90
N LYS A 398 -9.76 1.07 -0.29
CA LYS A 398 -9.32 2.45 -0.45
C LYS A 398 -10.55 3.31 -0.75
N VAL A 399 -10.83 4.28 0.12
CA VAL A 399 -12.00 5.13 0.01
C VAL A 399 -11.55 6.50 -0.49
N TYR A 400 -12.16 6.95 -1.58
CA TYR A 400 -11.88 8.26 -2.17
C TYR A 400 -13.08 9.15 -1.88
N LEU A 401 -12.86 10.20 -1.10
CA LEU A 401 -13.93 11.08 -0.65
C LEU A 401 -13.79 12.45 -1.28
N THR A 402 -14.84 13.25 -1.13
CA THR A 402 -14.96 14.52 -1.86
C THR A 402 -15.56 15.59 -0.95
N TRP A 403 -16.08 16.66 -1.55
CA TRP A 403 -16.76 17.75 -0.86
C TRP A 403 -17.73 17.21 0.20
N PRO A 404 -17.72 17.81 1.39
CA PRO A 404 -18.60 17.33 2.47
C PRO A 404 -20.07 17.46 2.14
N VAL A 405 -20.85 16.48 2.59
CA VAL A 405 -22.29 16.46 2.34
C VAL A 405 -22.98 17.61 3.07
N THR A 900 -32.42 15.51 -6.71
CA THR A 900 -32.89 14.17 -6.40
C THR A 900 -31.73 13.26 -6.00
N PHE A 901 -30.52 13.74 -6.20
CA PHE A 901 -29.33 13.02 -5.78
C PHE A 901 -28.75 13.57 -4.49
N ALA A 902 -28.73 14.89 -4.31
CA ALA A 902 -28.33 15.46 -3.02
C ALA A 902 -29.34 15.11 -1.93
N ASP A 903 -30.63 15.02 -2.30
CA ASP A 903 -31.65 14.59 -1.36
C ASP A 903 -31.38 13.17 -0.89
N SER A 904 -30.96 12.28 -1.80
CA SER A 904 -30.61 10.92 -1.41
C SER A 904 -29.42 10.91 -0.47
N LEU A 905 -28.43 11.77 -0.74
CA LEU A 905 -27.29 11.87 0.16
C LEU A 905 -27.71 12.33 1.55
N ARG A 906 -28.59 13.33 1.62
CA ARG A 906 -29.08 13.79 2.93
C ARG A 906 -29.85 12.68 3.64
N TYR A 907 -30.70 11.96 2.91
CA TYR A 907 -31.50 10.91 3.51
C TYR A 907 -30.62 9.79 4.06
N VAL A 908 -29.63 9.36 3.27
CA VAL A 908 -28.73 8.31 3.73
C VAL A 908 -27.88 8.81 4.89
N ASN A 909 -27.52 10.09 4.89
CA ASN A 909 -26.80 10.65 6.04
C ASN A 909 -27.65 10.56 7.30
N LYS A 910 -28.93 10.90 7.19
CA LYS A 910 -29.83 10.79 8.35
C LYS A 910 -29.94 9.34 8.81
N ILE A 911 -30.12 8.42 7.87
CA ILE A 911 -30.26 7.00 8.22
C ILE A 911 -29.01 6.44 8.89
N LEU A 912 -27.82 6.78 8.39
CA LEU A 912 -26.57 6.34 8.98
C LEU A 912 -26.30 7.01 10.33
N ASN A 913 -26.68 8.27 10.49
CA ASN A 913 -26.56 8.92 11.79
C ASN A 913 -27.48 8.28 12.82
N SER A 914 -28.64 7.81 12.37
CA SER A 914 -29.56 7.10 13.26
C SER A 914 -28.92 5.81 13.78
N LYS A 915 -28.18 5.12 12.90
CA LYS A 915 -27.63 3.81 13.29
C LYS A 915 -26.27 3.96 13.95
N PHE A 916 -25.33 4.66 13.29
CA PHE A 916 -23.94 4.71 13.73
C PHE A 916 -23.58 6.02 14.42
N GLY A 917 -24.57 6.83 14.79
CA GLY A 917 -24.29 8.08 15.47
C GLY A 917 -23.94 9.20 14.52
N PHE A 918 -24.02 10.44 15.01
CA PHE A 918 -23.79 11.60 14.15
C PHE A 918 -22.29 11.75 13.87
N THR A 919 -21.95 11.96 12.61
CA THR A 919 -20.59 12.19 12.18
C THR A 919 -20.60 13.12 10.96
N SER A 920 -19.63 14.03 10.91
CA SER A 920 -19.49 14.93 9.77
C SER A 920 -18.95 14.13 8.59
N ARG A 921 -19.78 13.90 7.59
CA ARG A 921 -19.48 12.98 6.50
C ARG A 921 -19.21 13.73 5.20
N LYS A 922 -18.29 13.20 4.41
CA LYS A 922 -18.04 13.63 3.04
C LYS A 922 -18.68 12.62 2.10
N VAL A 923 -18.81 12.99 0.83
CA VAL A 923 -19.40 12.06 -0.14
C VAL A 923 -18.31 11.51 -1.05
N PRO A 924 -18.45 10.27 -1.54
CA PRO A 924 -17.40 9.69 -2.37
C PRO A 924 -17.38 10.30 -3.77
N ALA A 925 -16.30 10.00 -4.49
CA ALA A 925 -16.09 10.49 -5.84
C ALA A 925 -16.76 9.57 -6.86
N HIS A 926 -17.04 10.13 -8.03
CA HIS A 926 -17.56 9.36 -9.16
C HIS A 926 -16.40 8.69 -9.87
N MET A 927 -16.20 7.41 -9.60
CA MET A 927 -15.05 6.68 -10.10
C MET A 927 -15.32 5.18 -10.02
N PRO A 928 -14.53 4.33 -10.67
CA PRO A 928 -14.73 2.87 -10.56
C PRO A 928 -14.62 2.42 -9.12
N HIS A 929 -15.72 1.94 -8.55
CA HIS A 929 -15.81 1.57 -7.15
C HIS A 929 -15.61 0.07 -6.99
N MET A 930 -14.65 -0.31 -6.16
CA MET A 930 -14.51 -1.71 -5.79
C MET A 930 -15.48 -2.06 -4.68
N ILE A 931 -16.24 -3.12 -4.87
CA ILE A 931 -17.31 -3.51 -3.96
C ILE A 931 -17.14 -4.98 -3.59
N ASP A 932 -17.26 -5.26 -2.29
CA ASP A 932 -17.23 -6.62 -1.79
C ASP A 932 -18.66 -7.11 -1.64
N ARG A 933 -18.95 -8.28 -2.21
CA ARG A 933 -20.30 -8.83 -2.15
C ARG A 933 -20.74 -9.17 -0.74
N ILE A 934 -19.84 -9.68 0.10
CA ILE A 934 -20.20 -10.01 1.47
C ILE A 934 -20.58 -8.76 2.25
N VAL A 935 -19.78 -7.70 2.11
CA VAL A 935 -20.06 -6.45 2.80
C VAL A 935 -21.36 -5.84 2.30
N MET A 936 -21.57 -5.86 0.98
CA MET A 936 -22.80 -5.29 0.43
C MET A 936 -24.02 -6.08 0.88
N GLN A 937 -23.91 -7.41 0.94
CA GLN A 937 -25.01 -8.23 1.43
C GLN A 937 -25.30 -7.96 2.89
N GLU A 938 -24.25 -7.76 3.70
CA GLU A 938 -24.44 -7.41 5.10
C GLU A 938 -25.13 -6.06 5.22
N LEU A 939 -24.77 -5.10 4.37
CA LEU A 939 -25.45 -3.80 4.38
C LEU A 939 -26.91 -3.95 3.99
N GLN A 940 -27.20 -4.76 2.98
CA GLN A 940 -28.59 -4.99 2.57
C GLN A 940 -29.39 -5.64 3.69
N ASP A 941 -28.79 -6.62 4.38
CA ASP A 941 -29.48 -7.27 5.49
C ASP A 941 -29.66 -6.32 6.68
N MET A 942 -28.73 -5.38 6.88
CA MET A 942 -28.85 -4.44 7.98
C MET A 942 -30.02 -3.49 7.78
N PHE A 943 -30.34 -3.15 6.54
CA PHE A 943 -31.46 -2.26 6.20
C PHE A 943 -32.33 -2.98 5.16
N PRO A 944 -33.10 -3.99 5.57
CA PRO A 944 -33.91 -4.72 4.59
C PRO A 944 -35.05 -3.89 4.05
N GLU A 945 -35.67 -3.09 4.92
CA GLU A 945 -36.81 -2.30 4.52
C GLU A 945 -36.39 -1.15 3.61
N GLU A 946 -35.27 -0.51 3.92
CA GLU A 946 -34.88 0.70 3.18
C GLU A 946 -34.43 0.38 1.77
N PHE A 947 -33.66 -0.69 1.57
CA PHE A 947 -33.25 -1.05 0.23
C PHE A 947 -34.43 -1.52 -0.62
N ASP A 948 -35.52 -1.96 0.01
CA ASP A 948 -36.72 -2.29 -0.75
C ASP A 948 -37.41 -1.05 -1.29
N LYS A 949 -37.36 0.07 -0.55
CA LYS A 949 -37.85 1.34 -1.07
C LYS A 949 -37.05 1.77 -2.29
N THR A 950 -35.73 1.57 -2.26
CA THR A 950 -34.90 1.90 -3.41
C THR A 950 -35.30 1.07 -4.63
N SER A 951 -35.56 -0.23 -4.43
CA SER A 951 -35.96 -1.09 -5.53
C SER A 951 -37.38 -0.84 -6.00
N PHE A 952 -38.29 -0.47 -5.09
CA PHE A 952 -39.69 -0.24 -5.45
C PHE A 952 -39.84 0.95 -6.40
N HIS A 953 -39.15 2.05 -6.11
CA HIS A 953 -39.29 3.26 -6.89
C HIS A 953 -38.81 3.06 -8.33
N LYS A 954 -39.69 3.34 -9.29
CA LYS A 954 -39.38 3.18 -10.70
C LYS A 954 -38.89 4.49 -11.32
N VAL A 955 -38.73 5.54 -10.51
CA VAL A 955 -37.97 6.73 -10.88
C VAL A 955 -37.10 7.08 -9.69
N ARG A 956 -35.86 7.49 -9.96
CA ARG A 956 -34.92 7.87 -8.89
C ARG A 956 -35.57 8.88 -7.95
N HIS A 957 -35.79 8.47 -6.71
CA HIS A 957 -36.55 9.24 -5.74
C HIS A 957 -35.60 10.05 -4.87
N SER A 958 -36.16 10.97 -4.09
CA SER A 958 -35.36 11.69 -3.10
C SER A 958 -34.86 10.73 -2.02
N GLU A 959 -35.69 9.76 -1.64
CA GLU A 959 -35.30 8.80 -0.61
C GLU A 959 -34.95 7.44 -1.19
N ASP A 960 -33.67 7.19 -1.43
CA ASP A 960 -33.18 5.87 -1.80
C ASP A 960 -31.72 5.77 -1.40
N MET A 961 -31.22 4.54 -1.35
CA MET A 961 -29.84 4.28 -0.95
C MET A 961 -28.92 4.31 -2.16
N GLN A 962 -27.79 5.01 -2.03
CA GLN A 962 -26.83 5.11 -3.11
C GLN A 962 -25.95 3.88 -3.21
N PHE A 963 -24.90 3.96 -4.02
CA PHE A 963 -23.94 2.88 -4.17
C PHE A 963 -22.67 3.27 -3.42
N ALA A 964 -22.05 4.39 -3.73
CA ALA A 964 -20.78 4.76 -3.12
C ALA A 964 -20.97 5.18 -1.66
N PHE A 965 -21.97 6.04 -1.41
CA PHE A 965 -22.12 6.63 -0.08
C PHE A 965 -22.56 5.59 0.94
N SER A 966 -23.52 4.74 0.57
CA SER A 966 -24.04 3.75 1.51
C SER A 966 -23.02 2.67 1.82
N TYR A 967 -22.36 2.16 0.80
CA TYR A 967 -21.41 1.07 0.99
C TYR A 967 -20.18 1.53 1.78
N PHE A 968 -19.59 2.66 1.36
CA PHE A 968 -18.33 3.07 1.97
C PHE A 968 -18.51 3.48 3.42
N TYR A 969 -19.61 4.17 3.74
CA TYR A 969 -19.80 4.63 5.11
C TYR A 969 -20.24 3.52 6.03
N TYR A 970 -20.96 2.52 5.50
CA TYR A 970 -21.16 1.31 6.28
C TYR A 970 -19.85 0.58 6.50
N LEU A 971 -18.99 0.57 5.49
CA LEU A 971 -17.66 -0.01 5.62
C LEU A 971 -16.85 0.71 6.69
N MET A 972 -16.93 2.04 6.72
CA MET A 972 -16.14 2.84 7.64
C MET A 972 -16.76 2.93 9.03
N SER A 973 -18.02 2.51 9.20
CA SER A 973 -18.68 2.59 10.49
C SER A 973 -19.26 1.25 10.94
N ALA A 974 -18.72 0.14 10.42
CA ALA A 974 -19.15 -1.19 10.86
C ALA A 974 -18.41 -1.53 12.14
N VAL A 975 -19.15 -1.73 13.23
CA VAL A 975 -18.59 -1.92 14.56
C VAL A 975 -18.63 -3.41 14.88
N GLN A 976 -17.50 -3.96 15.30
CA GLN A 976 -17.40 -5.35 15.70
C GLN A 976 -17.31 -5.47 17.22
N PRO A 977 -18.14 -6.29 17.85
CA PRO A 977 -18.05 -6.47 19.30
C PRO A 977 -16.75 -7.14 19.70
N LEU A 978 -16.32 -6.84 20.93
CA LEU A 978 -15.06 -7.36 21.42
C LEU A 978 -15.15 -8.85 21.70
N ASN A 979 -14.11 -9.59 21.30
CA ASN A 979 -14.03 -11.03 21.51
C ASN A 979 -13.07 -11.26 22.68
N ILE A 980 -13.61 -11.58 23.86
CA ILE A 980 -12.77 -11.78 25.03
C ILE A 980 -11.79 -12.92 24.82
N SER A 981 -12.19 -13.97 24.09
CA SER A 981 -11.26 -15.03 23.76
C SER A 981 -10.09 -14.51 22.94
N GLN A 982 -10.34 -13.54 22.05
CA GLN A 982 -9.23 -12.95 21.31
C GLN A 982 -8.26 -12.20 22.21
N VAL A 983 -8.77 -11.47 23.21
CA VAL A 983 -7.88 -10.78 24.15
C VAL A 983 -7.06 -11.79 24.93
N PHE A 984 -7.71 -12.85 25.41
CA PHE A 984 -6.99 -13.87 26.16
C PHE A 984 -5.94 -14.55 25.31
N ASP A 985 -6.24 -14.78 24.03
CA ASP A 985 -5.29 -15.46 23.15
C ASP A 985 -4.12 -14.56 22.76
N GLU A 986 -4.40 -13.27 22.54
CA GLU A 986 -3.31 -12.35 22.21
C GLU A 986 -2.41 -12.09 23.41
N VAL A 987 -2.95 -12.23 24.62
CA VAL A 987 -2.12 -12.10 25.80
C VAL A 987 -1.36 -13.39 26.13
N ASP A 988 -2.00 -14.55 25.97
CA ASP A 988 -1.37 -15.82 26.29
C ASP A 988 -0.37 -16.19 25.21
N THR A 989 0.88 -15.77 25.37
CA THR A 989 1.90 -16.00 24.36
C THR A 989 2.30 -17.47 24.31
N ASP A 990 2.27 -18.16 25.45
CA ASP A 990 2.61 -19.58 25.49
C ASP A 990 1.62 -20.42 24.68
N GLN A 991 0.39 -19.94 24.53
CA GLN A 991 -0.70 -20.72 23.95
C GLN A 991 -0.90 -22.00 24.74
N SER A 992 -0.67 -21.94 26.05
CA SER A 992 -0.80 -23.10 26.93
C SER A 992 -2.09 -23.08 27.72
N GLY A 993 -2.95 -22.09 27.50
CA GLY A 993 -4.23 -22.04 28.20
C GLY A 993 -4.18 -21.33 29.53
N VAL A 994 -3.02 -21.36 30.20
CA VAL A 994 -2.86 -20.73 31.49
C VAL A 994 -1.89 -19.56 31.34
N LEU A 995 -2.12 -18.52 32.15
CA LEU A 995 -1.29 -17.32 32.11
C LEU A 995 -0.30 -17.33 33.26
N SER A 996 0.86 -16.72 33.04
CA SER A 996 1.89 -16.56 34.06
C SER A 996 1.88 -15.12 34.56
N ASP A 997 2.80 -14.82 35.48
CA ASP A 997 2.90 -13.47 36.03
C ASP A 997 3.17 -12.44 34.94
N ARG A 998 4.00 -12.79 33.96
CA ARG A 998 4.30 -11.85 32.88
C ARG A 998 3.07 -11.56 32.04
N GLU A 999 2.29 -12.58 31.71
CA GLU A 999 1.08 -12.37 30.93
C GLU A 999 -0.02 -11.69 31.74
N ILE A 1000 -0.14 -11.99 33.02
CA ILE A 1000 -1.06 -11.22 33.85
C ILE A 1000 -0.63 -9.76 33.92
N ARG A 1001 0.68 -9.50 33.97
CA ARG A 1001 1.16 -8.13 33.98
C ARG A 1001 0.87 -7.40 32.68
N THR A 1002 1.00 -8.08 31.53
CA THR A 1002 0.64 -7.40 30.28
C THR A 1002 -0.87 -7.19 30.17
N LEU A 1003 -1.68 -8.10 30.72
CA LEU A 1003 -3.09 -7.81 30.90
C LEU A 1003 -3.29 -6.53 31.69
N ALA A 1004 -2.60 -6.40 32.82
CA ALA A 1004 -2.76 -5.22 33.67
C ALA A 1004 -2.34 -3.96 32.94
N THR A 1005 -1.25 -4.03 32.17
CA THR A 1005 -0.83 -2.86 31.39
C THR A 1005 -1.88 -2.48 30.35
N ARG A 1006 -2.43 -3.45 29.64
CA ARG A 1006 -3.39 -3.14 28.59
C ARG A 1006 -4.72 -2.68 29.16
N ILE A 1007 -5.06 -3.11 30.37
CA ILE A 1007 -6.35 -2.76 30.97
C ILE A 1007 -6.29 -1.40 31.63
N HIS A 1008 -5.32 -1.19 32.52
CA HIS A 1008 -5.23 0.06 33.26
C HIS A 1008 -4.55 1.14 32.42
N GLU A 1009 -4.35 2.30 33.03
CA GLU A 1009 -3.69 3.44 32.39
C GLU A 1009 -2.31 3.60 32.99
N LEU A 1010 -1.30 3.74 32.12
CA LEU A 1010 0.07 3.89 32.59
C LEU A 1010 0.25 5.21 33.33
N PRO A 1011 1.11 5.25 34.35
CA PRO A 1011 1.94 4.12 34.82
C PRO A 1011 1.17 3.13 35.67
N LEU A 1012 1.64 1.88 35.68
CA LEU A 1012 0.95 0.81 36.40
C LEU A 1012 1.45 0.77 37.83
N SER A 1013 0.63 1.26 38.75
CA SER A 1013 0.90 1.09 40.16
C SER A 1013 0.60 -0.35 40.57
N LEU A 1014 1.39 -0.87 41.53
CA LEU A 1014 1.19 -2.24 41.98
C LEU A 1014 -0.19 -2.43 42.58
N GLN A 1015 -0.86 -1.34 42.97
CA GLN A 1015 -2.25 -1.43 43.42
C GLN A 1015 -3.14 -2.00 42.33
N ASP A 1016 -2.92 -1.57 41.08
CA ASP A 1016 -3.74 -2.06 39.98
C ASP A 1016 -3.56 -3.56 39.76
N LEU A 1017 -2.31 -4.02 39.77
CA LEU A 1017 -2.05 -5.45 39.57
C LEU A 1017 -2.57 -6.28 40.73
N THR A 1018 -2.38 -5.80 41.96
CA THR A 1018 -2.92 -6.52 43.11
C THR A 1018 -4.45 -6.56 43.07
N GLY A 1019 -5.08 -5.48 42.62
CA GLY A 1019 -6.52 -5.50 42.46
C GLY A 1019 -6.97 -6.46 41.39
N LEU A 1020 -6.21 -6.57 40.31
CA LEU A 1020 -6.53 -7.55 39.27
C LEU A 1020 -6.47 -8.98 39.84
N GLU A 1021 -5.40 -9.28 40.57
CA GLU A 1021 -5.32 -10.61 41.18
C GLU A 1021 -6.40 -10.81 42.24
N HIS A 1022 -6.85 -9.75 42.89
CA HIS A 1022 -7.91 -9.86 43.88
C HIS A 1022 -9.24 -10.18 43.21
N MET A 1023 -9.55 -9.51 42.10
CA MET A 1023 -10.76 -9.83 41.35
C MET A 1023 -10.68 -11.25 40.79
N LEU A 1024 -9.48 -11.70 40.45
CA LEU A 1024 -9.33 -13.08 39.97
C LEU A 1024 -9.54 -14.10 41.08
N ILE A 1025 -9.01 -13.85 42.28
CA ILE A 1025 -9.17 -14.81 43.37
C ILE A 1025 -10.61 -14.81 43.87
N ASN A 1026 -11.28 -13.65 43.85
CA ASN A 1026 -12.70 -13.62 44.16
C ASN A 1026 -13.49 -14.55 43.25
N CYS A 1027 -13.29 -14.43 41.94
CA CYS A 1027 -14.14 -15.13 40.97
C CYS A 1027 -14.03 -16.64 41.11
N SER A 1028 -12.80 -17.15 41.33
CA SER A 1028 -12.64 -18.59 41.49
C SER A 1028 -13.38 -19.10 42.72
N LYS A 1029 -13.35 -18.33 43.81
CA LYS A 1029 -14.07 -18.72 45.01
C LYS A 1029 -15.58 -18.74 44.78
N MET A 1030 -16.10 -17.71 44.08
CA MET A 1030 -17.53 -17.65 43.81
C MET A 1030 -17.97 -18.75 42.85
N LEU A 1031 -17.16 -19.00 41.81
CA LEU A 1031 -17.50 -20.03 40.83
C LEU A 1031 -17.45 -21.43 41.46
N GLU A 1046 6.36 -22.50 37.52
CA GLU A 1046 5.03 -21.98 37.22
C GLU A 1046 4.27 -21.63 38.49
N SER A 1047 4.83 -20.71 39.28
CA SER A 1047 4.23 -20.28 40.53
C SER A 1047 4.07 -18.77 40.52
N TYR A 1048 2.89 -18.30 40.93
CA TYR A 1048 2.60 -16.89 41.02
C TYR A 1048 3.09 -16.33 42.36
N TYR A 1049 3.36 -15.02 42.38
CA TYR A 1049 3.89 -14.41 43.59
C TYR A 1049 2.90 -14.52 44.75
N ASP A 1050 1.63 -14.24 44.49
CA ASP A 1050 0.61 -14.37 45.52
C ASP A 1050 0.21 -15.84 45.61
N PRO A 1051 0.42 -16.50 46.75
CA PRO A 1051 0.09 -17.94 46.84
C PRO A 1051 -1.39 -18.25 46.70
N ASN A 1052 -2.27 -17.28 46.87
CA ASN A 1052 -3.70 -17.49 46.84
C ASN A 1052 -4.30 -17.35 45.44
N LEU A 1053 -3.47 -17.08 44.44
CA LEU A 1053 -4.05 -16.87 43.11
C LEU A 1053 -4.17 -18.20 42.37
N PRO A 1054 -5.37 -18.58 41.95
CA PRO A 1054 -5.55 -19.86 41.26
C PRO A 1054 -4.97 -19.82 39.86
N PRO A 1055 -4.79 -20.97 39.22
CA PRO A 1055 -4.35 -20.97 37.82
C PRO A 1055 -5.30 -20.15 36.95
N VAL A 1056 -4.73 -19.25 36.16
CA VAL A 1056 -5.51 -18.28 35.39
C VAL A 1056 -5.69 -18.86 34.00
N THR A 1057 -6.77 -19.61 33.81
CA THR A 1057 -7.17 -20.10 32.50
C THR A 1057 -8.17 -19.15 31.86
N LYS A 1058 -8.61 -19.51 30.67
CA LYS A 1058 -9.53 -18.64 29.94
C LYS A 1058 -10.87 -18.51 30.66
N SER A 1059 -11.33 -19.59 31.30
CA SER A 1059 -12.65 -19.59 31.93
C SER A 1059 -12.72 -18.56 33.05
N LEU A 1060 -11.64 -18.44 33.83
CA LEU A 1060 -11.63 -17.50 34.94
C LEU A 1060 -11.78 -16.07 34.46
N VAL A 1061 -11.01 -15.67 33.45
CA VAL A 1061 -11.07 -14.30 32.97
C VAL A 1061 -12.38 -14.03 32.24
N THR A 1062 -12.86 -14.99 31.45
CA THR A 1062 -14.07 -14.75 30.66
C THR A 1062 -15.33 -14.76 31.52
N ASN A 1063 -15.26 -15.32 32.74
CA ASN A 1063 -16.42 -15.38 33.62
C ASN A 1063 -16.37 -14.36 34.74
N CYS A 1064 -15.22 -13.72 34.96
CA CYS A 1064 -15.09 -12.70 36.01
C CYS A 1064 -15.65 -11.39 35.47
N LYS A 1065 -16.78 -10.96 36.02
CA LYS A 1065 -17.45 -9.76 35.53
C LYS A 1065 -16.60 -8.49 35.65
N PRO A 1066 -15.94 -8.19 36.78
CA PRO A 1066 -15.14 -6.96 36.82
C PRO A 1066 -14.01 -6.93 35.79
N VAL A 1067 -13.33 -8.06 35.59
CA VAL A 1067 -12.24 -8.09 34.62
C VAL A 1067 -12.76 -7.89 33.21
N THR A 1068 -13.88 -8.54 32.87
CA THR A 1068 -14.47 -8.33 31.55
C THR A 1068 -14.94 -6.89 31.38
N ASP A 1069 -15.48 -6.29 32.43
CA ASP A 1069 -15.91 -4.90 32.35
C ASP A 1069 -14.73 -3.98 32.07
N LYS A 1070 -13.61 -4.19 32.78
CA LYS A 1070 -12.43 -3.37 32.53
C LYS A 1070 -11.85 -3.63 31.15
N ILE A 1071 -11.92 -4.87 30.67
CA ILE A 1071 -11.44 -5.19 29.33
C ILE A 1071 -12.28 -4.45 28.28
N HIS A 1072 -13.61 -4.45 28.46
CA HIS A 1072 -14.48 -3.73 27.53
C HIS A 1072 -14.22 -2.23 27.60
N LYS A 1073 -14.01 -1.69 28.80
CA LYS A 1073 -13.76 -0.27 28.94
C LYS A 1073 -12.43 0.14 28.30
N ALA A 1074 -11.40 -0.72 28.41
CA ALA A 1074 -10.12 -0.43 27.79
C ALA A 1074 -10.17 -0.72 26.29
N TYR A 1075 -10.45 -1.97 25.92
CA TYR A 1075 -10.65 -2.32 24.51
C TYR A 1075 -12.04 -1.89 24.11
N LYS A 1076 -12.20 -0.62 23.79
CA LYS A 1076 -13.49 -0.19 23.30
C LYS A 1076 -13.68 -0.68 21.87
N ASP A 1077 -14.81 -0.33 21.28
CA ASP A 1077 -15.24 -0.89 20.01
C ASP A 1077 -14.24 -0.61 18.89
N LYS A 1078 -13.86 -1.67 18.16
CA LYS A 1078 -13.02 -1.51 16.99
C LYS A 1078 -13.89 -1.31 15.76
N ASN A 1079 -13.31 -1.35 14.57
CA ASN A 1079 -14.08 -1.29 13.34
C ASN A 1079 -14.01 -2.63 12.65
N LYS A 1080 -15.18 -3.12 12.19
CA LYS A 1080 -15.24 -4.45 11.59
C LYS A 1080 -14.44 -4.53 10.31
N TYR A 1081 -14.35 -3.45 9.54
CA TYR A 1081 -13.68 -3.45 8.25
C TYR A 1081 -12.63 -2.36 8.22
N ARG A 1082 -11.48 -2.68 7.65
CA ARG A 1082 -10.40 -1.71 7.48
C ARG A 1082 -10.64 -0.87 6.22
N PHE A 1083 -10.16 0.37 6.26
CA PHE A 1083 -10.34 1.29 5.15
C PHE A 1083 -9.20 2.30 5.16
N GLU A 1084 -9.03 2.97 4.02
CA GLU A 1084 -8.01 3.99 3.85
C GLU A 1084 -8.61 5.16 3.10
N ILE A 1085 -8.21 6.38 3.48
CA ILE A 1085 -8.82 7.60 2.96
C ILE A 1085 -7.78 8.41 2.20
N MET A 1086 -8.11 8.76 0.94
CA MET A 1086 -7.27 9.63 0.12
C MET A 1086 -8.13 10.75 -0.46
N GLY A 1087 -7.45 11.71 -1.09
CA GLY A 1087 -8.10 12.86 -1.68
C GLY A 1087 -8.42 12.69 -3.14
N GLU A 1088 -8.83 13.81 -3.76
CA GLU A 1088 -9.21 13.81 -5.16
C GLU A 1088 -8.01 13.97 -6.09
N GLU A 1089 -6.92 13.26 -5.86
CA GLU A 1089 -5.72 13.54 -6.64
C GLU A 1089 -5.58 12.71 -7.90
N GLU A 1090 -6.18 11.52 -7.97
CA GLU A 1090 -6.12 10.74 -9.19
C GLU A 1090 -7.51 10.58 -9.81
N ILE A 1091 -8.36 11.59 -9.63
CA ILE A 1091 -9.73 11.53 -10.12
C ILE A 1091 -10.00 12.78 -10.96
N ALA A 1092 -10.50 12.57 -12.18
CA ALA A 1092 -10.79 13.65 -13.11
C ALA A 1092 -12.28 13.67 -13.40
N PHE A 1093 -13.01 14.52 -12.68
CA PHE A 1093 -14.42 14.75 -12.94
C PHE A 1093 -14.54 16.11 -13.63
N LYS A 1094 -14.72 16.09 -14.94
CA LYS A 1094 -14.81 17.32 -15.72
C LYS A 1094 -16.24 17.49 -16.22
N MET A 1095 -16.68 18.75 -16.26
CA MET A 1095 -18.07 19.08 -16.56
C MET A 1095 -18.12 19.73 -17.94
N ILE A 1096 -18.84 19.11 -18.86
CA ILE A 1096 -18.90 19.53 -20.25
C ILE A 1096 -20.18 20.30 -20.48
N ARG A 1097 -20.07 21.64 -20.61
CA ARG A 1097 -21.24 22.50 -20.86
C ARG A 1097 -21.01 23.40 -22.09
N THR A 1098 -21.22 22.83 -23.27
CA THR A 1098 -21.67 23.55 -24.46
C THR A 1098 -20.81 24.79 -24.78
N ASN A 1099 -19.62 24.88 -24.21
CA ASN A 1099 -18.69 25.97 -24.53
C ASN A 1099 -17.43 25.33 -25.09
N VAL A 1100 -17.24 25.44 -26.41
CA VAL A 1100 -16.18 24.70 -27.08
C VAL A 1100 -14.81 25.09 -26.54
N SER A 1101 -14.61 26.37 -26.26
CA SER A 1101 -13.33 26.81 -25.70
C SER A 1101 -13.09 26.16 -24.34
N HIS A 1102 -14.10 26.16 -23.48
CA HIS A 1102 -13.95 25.56 -22.16
C HIS A 1102 -13.79 24.04 -22.24
N VAL A 1103 -14.52 23.39 -23.16
CA VAL A 1103 -14.38 21.95 -23.33
C VAL A 1103 -12.98 21.60 -23.80
N VAL A 1104 -12.46 22.35 -24.78
CA VAL A 1104 -11.10 22.11 -25.26
C VAL A 1104 -10.10 22.36 -24.14
N GLY A 1105 -10.33 23.39 -23.31
CA GLY A 1105 -9.44 23.63 -22.19
C GLY A 1105 -9.43 22.47 -21.20
N GLN A 1106 -10.60 21.95 -20.87
CA GLN A 1106 -10.68 20.82 -19.94
C GLN A 1106 -10.00 19.59 -20.52
N LEU A 1107 -10.23 19.31 -21.80
CA LEU A 1107 -9.65 18.14 -22.42
C LEU A 1107 -8.13 18.27 -22.53
N ASP A 1108 -7.63 19.50 -22.78
CA ASP A 1108 -6.19 19.73 -22.76
C ASP A 1108 -5.62 19.54 -21.37
N ASP A 1109 -6.34 19.96 -20.34
CA ASP A 1109 -5.90 19.71 -18.98
C ASP A 1109 -5.82 18.21 -18.71
N ILE A 1110 -6.80 17.44 -19.18
CA ILE A 1110 -6.73 15.99 -19.04
C ILE A 1110 -5.53 15.43 -19.79
N ARG A 1111 -5.28 15.93 -21.00
CA ARG A 1111 -4.17 15.42 -21.81
C ARG A 1111 -2.83 15.71 -21.15
N LYS A 1112 -2.63 16.92 -20.63
CA LYS A 1112 -1.34 17.31 -20.09
C LYS A 1112 -0.97 16.49 -18.87
N ASN A 1113 -1.94 16.26 -17.98
CA ASN A 1113 -1.73 15.50 -16.75
C ASN A 1113 -2.68 14.31 -16.75
N PRO A 1114 -2.26 13.16 -17.26
CA PRO A 1114 -3.12 11.98 -17.22
C PRO A 1114 -3.41 11.56 -15.78
N ARG A 1115 -4.63 11.10 -15.55
CA ARG A 1115 -5.10 10.70 -14.23
C ARG A 1115 -5.72 9.32 -14.30
N LYS A 1116 -5.68 8.62 -13.17
CA LYS A 1116 -6.07 7.21 -13.16
C LYS A 1116 -7.56 7.04 -13.50
N PHE A 1117 -8.41 7.89 -12.94
CA PHE A 1117 -9.85 7.81 -13.16
C PHE A 1117 -10.31 9.10 -13.83
N VAL A 1118 -10.84 8.97 -15.04
CA VAL A 1118 -11.30 10.12 -15.82
C VAL A 1118 -12.80 9.97 -16.02
N CYS A 1119 -13.56 10.96 -15.59
CA CYS A 1119 -15.01 10.99 -15.77
C CYS A 1119 -15.38 12.26 -16.51
N LEU A 1120 -16.19 12.11 -17.57
CA LEU A 1120 -16.60 13.23 -18.41
C LEU A 1120 -18.12 13.22 -18.50
N ASN A 1121 -18.77 14.09 -17.72
CA ASN A 1121 -20.23 14.17 -17.70
C ASN A 1121 -20.71 14.89 -18.96
N ASP A 1122 -21.53 14.20 -19.76
CA ASP A 1122 -21.94 14.68 -21.07
C ASP A 1122 -23.30 15.37 -21.01
N ASN A 1123 -23.33 16.50 -20.30
CA ASN A 1123 -24.54 17.32 -20.22
C ASN A 1123 -24.46 18.50 -21.20
N ILE A 1124 -24.46 18.15 -22.48
CA ILE A 1124 -24.53 19.13 -23.56
C ILE A 1124 -25.98 19.52 -23.74
N ASP A 1125 -26.22 20.79 -24.08
CA ASP A 1125 -27.56 21.33 -24.29
C ASP A 1125 -28.34 20.55 -25.35
N HIS A 1126 -27.65 20.12 -26.42
CA HIS A 1126 -28.22 19.34 -27.51
C HIS A 1126 -29.14 20.19 -28.38
N ASN A 1127 -29.41 21.42 -27.95
CA ASN A 1127 -30.11 22.42 -28.75
C ASN A 1127 -29.31 23.71 -28.69
N HIS A 1128 -28.31 23.82 -29.56
CA HIS A 1128 -27.36 24.91 -29.50
C HIS A 1128 -26.50 24.87 -30.76
N LYS A 1129 -25.92 26.03 -31.10
CA LYS A 1129 -25.05 26.11 -32.27
C LYS A 1129 -23.74 25.36 -32.07
N ASP A 1130 -23.40 25.03 -30.82
CA ASP A 1130 -22.13 24.40 -30.49
C ASP A 1130 -22.35 23.05 -29.80
N ALA A 1131 -23.26 22.24 -30.32
CA ALA A 1131 -23.45 20.90 -29.80
C ALA A 1131 -22.66 19.86 -30.59
N GLN A 1132 -22.77 19.87 -31.92
CA GLN A 1132 -22.00 18.95 -32.75
C GLN A 1132 -20.51 19.18 -32.61
N THR A 1133 -20.08 20.45 -32.48
CA THR A 1133 -18.66 20.73 -32.32
C THR A 1133 -18.13 20.14 -31.02
N VAL A 1134 -18.87 20.29 -29.92
CA VAL A 1134 -18.42 19.73 -28.65
C VAL A 1134 -18.46 18.21 -28.68
N LYS A 1135 -19.46 17.62 -29.34
CA LYS A 1135 -19.45 16.17 -29.50
C LYS A 1135 -18.25 15.70 -30.30
N ALA A 1136 -17.88 16.41 -31.36
CA ALA A 1136 -16.70 16.05 -32.13
C ALA A 1136 -15.43 16.19 -31.30
N VAL A 1137 -15.33 17.24 -30.48
CA VAL A 1137 -14.15 17.41 -29.63
C VAL A 1137 -14.05 16.28 -28.63
N LEU A 1138 -15.18 15.89 -28.02
CA LEU A 1138 -15.17 14.79 -27.07
C LEU A 1138 -14.79 13.47 -27.75
N ARG A 1139 -15.34 13.21 -28.94
CA ARG A 1139 -15.00 11.97 -29.64
C ARG A 1139 -13.55 11.96 -30.07
N ASP A 1140 -13.00 13.12 -30.46
CA ASP A 1140 -11.58 13.19 -30.78
C ASP A 1140 -10.71 12.93 -29.56
N PHE A 1141 -11.10 13.45 -28.39
CA PHE A 1141 -10.37 13.12 -27.17
C PHE A 1141 -10.44 11.62 -26.89
N TYR A 1142 -11.61 11.02 -27.03
CA TYR A 1142 -11.76 9.59 -26.79
C TYR A 1142 -10.91 8.76 -27.75
N GLU A 1143 -10.91 9.13 -29.02
CA GLU A 1143 -10.14 8.40 -30.03
C GLU A 1143 -8.64 8.66 -29.89
N SER A 1144 -8.25 9.79 -29.31
CA SER A 1144 -6.83 10.02 -29.03
C SER A 1144 -6.37 9.16 -27.86
N MET A 1145 -7.19 9.08 -26.81
CA MET A 1145 -6.79 8.30 -25.64
C MET A 1145 -6.77 6.80 -25.95
N PHE A 1146 -7.84 6.30 -26.56
CA PHE A 1146 -8.04 4.86 -26.79
C PHE A 1146 -8.42 4.63 -28.25
N PRO A 1147 -7.44 4.58 -29.15
CA PRO A 1147 -7.74 4.42 -30.58
C PRO A 1147 -7.93 2.99 -31.04
N ILE A 1148 -7.31 2.01 -30.39
CA ILE A 1148 -7.27 0.63 -30.88
C ILE A 1148 -8.58 -0.04 -30.52
N PRO A 1149 -9.30 -0.63 -31.49
CA PRO A 1149 -10.52 -1.39 -31.16
C PRO A 1149 -10.25 -2.51 -30.18
N SER A 1150 -11.20 -2.74 -29.26
CA SER A 1150 -11.02 -3.72 -28.20
C SER A 1150 -11.47 -5.10 -28.67
N GLN A 1151 -11.26 -6.10 -27.80
CA GLN A 1151 -11.70 -7.46 -28.10
C GLN A 1151 -13.20 -7.64 -27.90
N PHE A 1152 -13.85 -6.72 -27.21
CA PHE A 1152 -15.28 -6.78 -26.94
C PHE A 1152 -16.12 -6.08 -28.01
N GLU A 1153 -15.48 -5.63 -29.08
CA GLU A 1153 -16.15 -4.90 -30.15
C GLU A 1153 -16.22 -5.75 -31.39
N LEU A 1154 -17.41 -5.81 -31.99
CA LEU A 1154 -17.60 -6.55 -33.23
C LEU A 1154 -16.73 -5.94 -34.34
N PRO A 1155 -16.20 -6.76 -35.25
CA PRO A 1155 -15.46 -6.20 -36.38
C PRO A 1155 -16.34 -5.25 -37.18
N ARG A 1156 -16.03 -3.96 -37.09
CA ARG A 1156 -16.90 -2.93 -37.65
C ARG A 1156 -16.12 -1.64 -37.85
N GLU A 1157 -16.85 -0.53 -38.03
CA GLU A 1157 -16.26 0.78 -38.24
C GLU A 1157 -15.46 0.81 -39.54
N TYR A 1158 -15.83 -0.03 -40.49
CA TYR A 1158 -15.31 0.11 -41.84
C TYR A 1158 -15.89 1.36 -42.47
N ARG A 1159 -15.02 2.17 -43.06
CA ARG A 1159 -15.36 3.46 -43.68
C ARG A 1159 -16.31 4.28 -42.81
N ASN A 1160 -16.19 4.15 -41.49
CA ASN A 1160 -17.09 4.87 -40.59
C ASN A 1160 -16.92 6.38 -40.76
N ARG A 1161 -15.69 6.87 -40.68
CA ARG A 1161 -15.32 8.24 -41.01
C ARG A 1161 -16.28 9.25 -40.38
N PHE A 1162 -16.29 9.28 -39.04
CA PHE A 1162 -16.99 10.33 -38.34
C PHE A 1162 -16.39 11.68 -38.73
N LEU A 1163 -17.19 12.74 -38.55
CA LEU A 1163 -16.79 14.07 -39.00
C LEU A 1163 -15.42 14.45 -38.45
N HIS A 1164 -14.44 14.55 -39.34
CA HIS A 1164 -13.10 14.97 -38.99
C HIS A 1164 -12.89 16.45 -39.24
N MET A 1165 -13.95 17.18 -39.59
CA MET A 1165 -13.80 18.57 -39.97
C MET A 1165 -14.41 19.53 -38.97
N HIS A 1166 -15.14 19.04 -37.96
CA HIS A 1166 -15.68 19.93 -36.95
C HIS A 1166 -14.58 20.44 -36.03
N GLU A 1167 -13.68 19.55 -35.59
CA GLU A 1167 -12.57 19.98 -34.75
C GLU A 1167 -11.67 20.94 -35.52
N LEU A 1168 -11.56 20.75 -36.84
CA LEU A 1168 -10.82 21.73 -37.65
C LEU A 1168 -11.58 23.04 -37.77
N GLN A 1169 -12.92 23.02 -37.72
CA GLN A 1169 -13.65 24.27 -37.64
C GLN A 1169 -13.37 25.01 -36.33
N GLU A 1170 -13.28 24.26 -35.23
CA GLU A 1170 -12.88 24.89 -33.97
C GLU A 1170 -11.46 25.43 -34.05
N TRP A 1171 -10.56 24.69 -34.70
CA TRP A 1171 -9.19 25.16 -34.93
C TRP A 1171 -9.20 26.48 -35.68
N ARG A 1172 -9.92 26.55 -36.80
CA ARG A 1172 -9.95 27.75 -37.62
C ARG A 1172 -10.64 28.92 -36.92
N ALA A 1173 -11.68 28.67 -36.15
CA ALA A 1173 -12.31 29.75 -35.39
C ALA A 1173 -11.39 30.29 -34.31
N TYR A 1174 -10.54 29.43 -33.76
CA TYR A 1174 -9.59 29.84 -32.73
C TYR A 1174 -8.27 30.27 -33.35
N TYR B 19 -0.96 -26.61 -8.10
CA TYR B 19 -1.66 -27.39 -9.11
C TYR B 19 -1.80 -26.56 -10.39
N HIS B 20 -2.14 -27.22 -11.50
CA HIS B 20 -2.15 -26.53 -12.79
C HIS B 20 -3.23 -25.46 -12.86
N VAL B 21 -4.36 -25.66 -12.15
CA VAL B 21 -5.43 -24.66 -12.18
C VAL B 21 -4.96 -23.37 -11.53
N LEU B 22 -4.15 -23.48 -10.47
CA LEU B 22 -3.61 -22.29 -9.84
C LEU B 22 -2.66 -21.54 -10.78
N PHE B 23 -1.87 -22.28 -11.56
CA PHE B 23 -0.98 -21.65 -12.52
C PHE B 23 -1.76 -21.03 -13.67
N ASP B 24 -2.84 -21.68 -14.10
CA ASP B 24 -3.66 -21.19 -15.21
C ASP B 24 -4.69 -20.17 -14.76
N SER B 25 -4.79 -19.89 -13.46
CA SER B 25 -5.71 -18.90 -12.94
C SER B 25 -5.17 -17.48 -13.01
N TYR B 26 -3.86 -17.31 -13.18
CA TYR B 26 -3.26 -16.01 -13.40
C TYR B 26 -3.33 -15.58 -14.86
N ARG B 27 -3.71 -16.48 -15.75
CA ARG B 27 -3.93 -16.17 -17.16
C ARG B 27 -5.41 -16.19 -17.51
N ASP B 28 -6.27 -16.07 -16.50
CA ASP B 28 -7.71 -16.06 -16.67
C ASP B 28 -8.25 -14.65 -16.90
N ASN B 29 -7.38 -13.67 -17.02
CA ASN B 29 -7.81 -12.30 -17.25
C ASN B 29 -8.17 -12.07 -18.71
N ILE B 30 -8.59 -10.84 -19.02
CA ILE B 30 -9.00 -10.51 -20.38
C ILE B 30 -7.82 -10.53 -21.34
N ALA B 31 -6.66 -10.03 -20.89
CA ALA B 31 -5.49 -9.99 -21.76
C ALA B 31 -5.01 -11.39 -22.11
N GLY B 32 -5.06 -12.31 -21.15
CA GLY B 32 -4.55 -13.65 -21.34
C GLY B 32 -3.12 -13.84 -20.89
N LYS B 33 -2.50 -12.84 -20.28
CA LYS B 33 -1.13 -12.94 -19.80
C LYS B 33 -1.13 -13.23 -18.29
N SER B 34 0.07 -13.28 -17.72
CA SER B 34 0.25 -13.52 -16.30
C SER B 34 0.90 -12.31 -15.66
N PHE B 35 0.33 -11.84 -14.56
CA PHE B 35 0.83 -10.67 -13.84
C PHE B 35 1.27 -11.04 -12.42
N GLN B 36 1.98 -12.15 -12.28
CA GLN B 36 2.51 -12.55 -10.98
C GLN B 36 3.53 -11.53 -10.48
N ASN B 37 4.39 -11.02 -11.37
CA ASN B 37 5.45 -10.11 -10.95
C ASN B 37 4.92 -8.77 -10.47
N ARG B 38 3.66 -8.45 -10.75
CA ARG B 38 3.06 -7.19 -10.35
C ARG B 38 1.99 -7.35 -9.27
N LEU B 39 1.70 -8.58 -8.86
CA LEU B 39 0.62 -8.83 -7.91
C LEU B 39 1.03 -9.61 -6.68
N CYS B 40 2.16 -10.31 -6.69
CA CYS B 40 2.54 -11.22 -5.60
C CYS B 40 3.77 -10.78 -4.82
N LEU B 41 4.10 -9.48 -4.84
CA LEU B 41 5.15 -8.92 -4.00
C LEU B 41 6.53 -9.47 -4.34
N PRO B 42 7.61 -8.78 -3.97
CA PRO B 42 8.95 -9.33 -4.20
C PRO B 42 9.24 -10.48 -3.24
N MET B 43 9.42 -11.68 -3.80
CA MET B 43 9.83 -12.85 -3.03
C MET B 43 10.93 -13.53 -3.84
N PRO B 44 11.88 -14.22 -3.19
CA PRO B 44 12.06 -14.41 -1.75
C PRO B 44 12.69 -13.21 -1.06
N ILE B 45 12.57 -13.16 0.27
CA ILE B 45 13.18 -12.13 1.09
C ILE B 45 13.98 -12.79 2.19
N ASP B 46 15.23 -12.38 2.36
CA ASP B 46 16.12 -12.93 3.37
C ASP B 46 16.33 -11.94 4.49
N VAL B 47 16.94 -12.42 5.57
CA VAL B 47 17.23 -11.61 6.75
C VAL B 47 18.72 -11.76 7.08
N VAL B 48 19.39 -10.64 7.31
CA VAL B 48 20.82 -10.61 7.59
C VAL B 48 21.02 -10.03 8.99
N TYR B 49 21.83 -10.71 9.79
CA TYR B 49 22.13 -10.29 11.15
C TYR B 49 23.62 -10.00 11.28
N THR B 50 23.96 -9.08 12.16
CA THR B 50 25.35 -8.82 12.53
C THR B 50 25.51 -9.11 14.02
N TRP B 51 26.26 -10.16 14.35
CA TRP B 51 26.41 -10.62 15.72
C TRP B 51 27.88 -10.57 16.12
N VAL B 52 28.14 -10.06 17.31
CA VAL B 52 29.48 -10.01 17.88
C VAL B 52 29.42 -10.53 19.31
N ASN B 53 30.46 -11.26 19.71
CA ASN B 53 30.55 -11.81 21.06
C ASN B 53 31.74 -11.19 21.78
N GLY B 54 31.56 -10.91 23.08
CA GLY B 54 32.63 -10.35 23.88
C GLY B 54 33.51 -11.40 24.51
N THR B 55 34.22 -12.16 23.69
CA THR B 55 35.13 -13.18 24.16
C THR B 55 36.50 -12.59 24.48
N ASP B 56 37.36 -13.42 25.09
CA ASP B 56 38.67 -12.95 25.51
C ASP B 56 39.57 -12.64 24.32
N LEU B 57 39.55 -13.51 23.29
CA LEU B 57 40.43 -13.30 22.13
C LEU B 57 40.08 -12.03 21.37
N GLU B 58 38.78 -11.80 21.16
CA GLU B 58 38.35 -10.59 20.46
C GLU B 58 38.69 -9.33 21.26
N LEU B 59 38.51 -9.38 22.58
CA LEU B 59 38.89 -8.25 23.42
C LEU B 59 40.39 -8.01 23.37
N LEU B 60 41.20 -9.07 23.35
CA LEU B 60 42.64 -8.90 23.21
C LEU B 60 42.99 -8.26 21.88
N LYS B 61 42.35 -8.70 20.79
CA LYS B 61 42.61 -8.10 19.49
C LYS B 61 42.22 -6.63 19.47
N GLU B 62 41.10 -6.29 20.10
CA GLU B 62 40.71 -4.89 20.23
C GLU B 62 41.75 -4.09 21.01
N LEU B 63 42.30 -4.69 22.07
CA LEU B 63 43.34 -4.01 22.85
C LEU B 63 44.58 -3.75 22.01
N GLN B 64 45.00 -4.75 21.21
CA GLN B 64 46.14 -4.53 20.33
C GLN B 64 45.87 -3.42 19.31
N GLN B 65 44.65 -3.40 18.75
CA GLN B 65 44.31 -2.37 17.78
C GLN B 65 44.33 -0.99 18.41
N VAL B 66 43.79 -0.86 19.64
CA VAL B 66 43.82 0.43 20.33
C VAL B 66 45.24 0.85 20.65
N ARG B 67 46.10 -0.11 21.03
CA ARG B 67 47.50 0.20 21.26
C ARG B 67 48.16 0.72 19.98
N GLU B 68 47.85 0.09 18.85
CA GLU B 68 48.39 0.56 17.57
C GLU B 68 47.88 1.95 17.24
N GLN B 69 46.61 2.24 17.54
CA GLN B 69 46.07 3.58 17.32
C GLN B 69 46.82 4.62 18.15
N MET B 70 47.06 4.31 19.42
CA MET B 70 47.81 5.23 20.28
C MET B 70 49.24 5.42 19.78
N GLU B 71 49.87 4.34 19.32
CA GLU B 71 51.22 4.45 18.76
C GLU B 71 51.23 5.33 17.52
N GLU B 72 50.21 5.19 16.67
CA GLU B 72 50.13 6.03 15.47
C GLU B 72 49.95 7.50 15.85
N GLU B 73 49.11 7.78 16.85
CA GLU B 73 48.94 9.16 17.31
C GLU B 73 50.26 9.71 17.85
N GLN B 74 50.99 8.90 18.62
CA GLN B 74 52.28 9.33 19.15
C GLN B 74 53.27 9.60 18.03
N LYS B 75 53.30 8.74 17.01
CA LYS B 75 54.20 8.96 15.88
C LYS B 75 53.83 10.22 15.10
N ALA B 76 52.53 10.48 14.93
CA ALA B 76 52.11 11.72 14.27
C ALA B 76 52.54 12.95 15.07
N MET B 77 52.39 12.92 16.38
CA MET B 77 52.83 14.07 17.18
C MET B 77 54.34 14.17 17.24
N ARG B 78 55.05 13.05 17.08
CA ARG B 78 56.50 13.10 16.90
C ARG B 78 56.87 13.78 15.60
N GLU B 79 56.13 13.49 14.53
CA GLU B 79 56.30 14.24 13.28
C GLU B 79 56.04 15.72 13.51
N ILE B 80 55.07 16.05 14.36
CA ILE B 80 54.84 17.43 14.75
C ILE B 80 56.06 17.98 15.48
N LEU B 81 56.63 17.18 16.38
CA LEU B 81 57.84 17.57 17.11
C LEU B 81 59.01 17.82 16.15
N PHE B 293 30.25 -6.63 26.49
CA PHE B 293 30.79 -7.66 27.37
C PHE B 293 29.72 -8.70 27.70
N GLU B 294 28.55 -8.23 28.13
CA GLU B 294 27.44 -9.11 28.46
C GLU B 294 26.25 -8.75 27.58
N ASP B 295 25.68 -9.75 26.92
CA ASP B 295 24.52 -9.59 26.06
C ASP B 295 23.35 -10.35 26.66
N ASN B 296 22.17 -9.75 26.62
CA ASN B 296 20.97 -10.41 27.15
C ASN B 296 20.39 -11.34 26.10
N GLU B 297 21.24 -12.17 25.49
CA GLU B 297 20.88 -13.11 24.44
C GLU B 297 19.88 -12.51 23.46
N GLU B 298 20.12 -11.27 23.03
CA GLU B 298 19.16 -10.56 22.19
C GLU B 298 19.04 -11.13 20.78
N LEU B 299 19.99 -11.95 20.34
CA LEU B 299 19.85 -12.68 19.09
C LEU B 299 18.85 -13.81 19.19
N ARG B 300 18.82 -14.52 20.32
CA ARG B 300 17.85 -15.60 20.51
C ARG B 300 16.41 -15.11 20.36
N TYR B 301 16.05 -14.07 21.10
CA TYR B 301 14.70 -13.53 21.05
C TYR B 301 14.39 -12.85 19.74
N SER B 302 15.40 -12.23 19.10
CA SER B 302 15.17 -11.65 17.78
C SER B 302 14.87 -12.72 16.75
N LEU B 303 15.59 -13.85 16.80
CA LEU B 303 15.29 -14.96 15.90
C LEU B 303 13.91 -15.54 16.20
N ARG B 304 13.54 -15.62 17.47
CA ARG B 304 12.19 -16.06 17.81
C ARG B 304 11.14 -15.13 17.23
N SER B 305 11.39 -13.82 17.27
CA SER B 305 10.48 -12.86 16.66
C SER B 305 10.43 -13.03 15.15
N ILE B 306 11.56 -13.33 14.52
CA ILE B 306 11.57 -13.62 13.09
C ILE B 306 10.66 -14.80 12.79
N GLU B 307 10.78 -15.87 13.57
CA GLU B 307 9.99 -17.06 13.30
C GLU B 307 8.51 -16.84 13.58
N ARG B 308 8.18 -16.04 14.59
CA ARG B 308 6.78 -15.88 15.01
C ARG B 308 6.05 -14.82 14.19
N HIS B 309 6.63 -13.63 14.06
CA HIS B 309 5.92 -12.51 13.45
C HIS B 309 6.18 -12.37 11.96
N ALA B 310 7.32 -12.84 11.46
CA ALA B 310 7.67 -12.75 10.04
C ALA B 310 8.08 -14.12 9.52
N PRO B 311 7.12 -15.04 9.39
CA PRO B 311 7.45 -16.41 8.97
C PRO B 311 7.58 -16.60 7.47
N TRP B 312 7.65 -15.51 6.69
CA TRP B 312 7.78 -15.59 5.23
C TRP B 312 9.22 -15.43 4.77
N VAL B 313 10.18 -15.45 5.69
CA VAL B 313 11.59 -15.27 5.34
C VAL B 313 12.16 -16.59 4.84
N ARG B 314 12.88 -16.54 3.72
CA ARG B 314 13.42 -17.75 3.12
C ARG B 314 14.61 -18.27 3.89
N ASN B 315 15.67 -17.46 3.98
CA ASN B 315 16.90 -17.85 4.67
C ASN B 315 17.34 -16.73 5.59
N ILE B 316 18.12 -17.10 6.61
CA ILE B 316 18.64 -16.16 7.59
C ILE B 316 20.17 -16.24 7.56
N PHE B 317 20.81 -15.09 7.39
CA PHE B 317 22.27 -15.00 7.33
C PHE B 317 22.76 -14.20 8.53
N ILE B 318 23.80 -14.73 9.19
CA ILE B 318 24.45 -14.06 10.32
C ILE B 318 25.92 -13.89 9.97
N VAL B 319 26.40 -12.65 10.02
CA VAL B 319 27.78 -12.33 9.68
C VAL B 319 28.55 -12.15 10.98
N THR B 320 29.65 -12.90 11.11
CA THR B 320 30.50 -12.88 12.30
C THR B 320 31.94 -12.97 11.87
N ASN B 321 32.85 -12.61 12.79
CA ASN B 321 34.28 -12.73 12.52
C ASN B 321 34.64 -14.17 12.18
N GLY B 322 34.54 -15.05 13.18
CA GLY B 322 34.61 -16.48 12.98
C GLY B 322 33.74 -17.17 14.00
N GLN B 323 32.97 -16.36 14.73
CA GLN B 323 32.25 -16.84 15.90
C GLN B 323 30.91 -17.44 15.51
N ILE B 324 30.57 -18.57 16.12
CA ILE B 324 29.26 -19.18 15.95
C ILE B 324 28.53 -19.11 17.29
N PRO B 325 27.28 -18.65 17.33
CA PRO B 325 26.55 -18.64 18.60
C PRO B 325 26.45 -20.05 19.17
N SER B 326 26.60 -20.13 20.50
CA SER B 326 26.57 -21.43 21.16
C SER B 326 25.19 -22.08 21.07
N TRP B 327 24.14 -21.27 20.98
CA TRP B 327 22.77 -21.76 20.95
C TRP B 327 22.24 -21.98 19.55
N LEU B 328 23.02 -21.67 18.52
CA LEU B 328 22.54 -21.69 17.14
C LEU B 328 22.56 -23.12 16.61
N ASN B 329 21.42 -23.55 16.08
CA ASN B 329 21.29 -24.88 15.46
C ASN B 329 21.78 -24.79 14.02
N LEU B 330 23.04 -25.15 13.79
CA LEU B 330 23.62 -25.06 12.47
C LEU B 330 23.14 -26.16 11.52
N ASP B 331 22.52 -27.21 12.05
CA ASP B 331 21.98 -28.25 11.19
C ASP B 331 20.77 -27.79 10.39
N ASN B 332 20.17 -26.68 10.77
CA ASN B 332 19.05 -26.12 10.01
C ASN B 332 19.56 -25.53 8.71
N PRO B 333 19.03 -25.94 7.55
CA PRO B 333 19.51 -25.37 6.29
C PRO B 333 19.13 -23.91 6.08
N ARG B 334 18.21 -23.37 6.88
CA ARG B 334 17.71 -22.02 6.69
C ARG B 334 18.44 -20.99 7.54
N VAL B 335 19.50 -21.40 8.23
CA VAL B 335 20.34 -20.48 8.98
C VAL B 335 21.79 -20.74 8.60
N THR B 336 22.54 -19.66 8.34
CA THR B 336 23.91 -19.78 7.86
C THR B 336 24.78 -18.73 8.56
N ILE B 337 26.00 -19.13 8.91
CA ILE B 337 27.00 -18.22 9.45
C ILE B 337 27.93 -17.84 8.31
N VAL B 338 27.99 -16.54 7.99
CA VAL B 338 28.81 -16.03 6.90
C VAL B 338 29.97 -15.28 7.55
N THR B 339 31.18 -15.81 7.41
CA THR B 339 32.35 -15.20 8.02
C THR B 339 32.73 -13.92 7.29
N HIS B 340 33.77 -13.24 7.78
CA HIS B 340 34.27 -12.04 7.14
C HIS B 340 35.16 -12.32 5.94
N GLN B 341 35.57 -13.57 5.74
CA GLN B 341 36.34 -13.92 4.55
C GLN B 341 35.52 -13.69 3.29
N ASP B 342 34.25 -14.11 3.31
CA ASP B 342 33.42 -14.03 2.12
C ASP B 342 32.81 -12.64 1.96
N VAL B 343 32.46 -11.99 3.06
CA VAL B 343 31.82 -10.69 3.00
C VAL B 343 32.77 -9.64 2.43
N PHE B 344 33.99 -9.58 2.95
CA PHE B 344 34.92 -8.53 2.55
C PHE B 344 35.56 -8.85 1.21
N ARG B 345 35.78 -7.79 0.42
CA ARG B 345 36.42 -7.91 -0.88
C ARG B 345 37.94 -7.89 -0.78
N ASN B 346 38.48 -7.09 0.13
CA ASN B 346 39.93 -6.84 0.14
C ASN B 346 40.43 -7.46 1.44
N LEU B 347 40.89 -8.70 1.35
CA LEU B 347 41.10 -9.55 2.52
C LEU B 347 42.21 -9.05 3.43
N SER B 348 42.82 -7.92 3.10
CA SER B 348 43.74 -7.22 3.98
C SER B 348 43.02 -6.20 4.85
N HIS B 349 41.71 -6.37 5.01
CA HIS B 349 40.87 -5.44 5.78
C HIS B 349 40.03 -6.11 6.85
N LEU B 350 39.86 -7.43 6.81
CA LEU B 350 38.83 -8.15 7.55
C LEU B 350 38.96 -8.14 9.07
N PRO B 351 40.16 -8.03 9.68
CA PRO B 351 40.20 -7.80 11.13
C PRO B 351 39.71 -6.40 11.45
N THR B 352 38.40 -6.18 11.31
CA THR B 352 37.88 -4.84 11.10
C THR B 352 37.19 -4.21 12.29
N PHE B 353 36.62 -4.99 13.21
CA PHE B 353 36.08 -4.50 14.48
C PHE B 353 35.34 -3.17 14.39
N SER B 354 34.54 -2.96 13.34
CA SER B 354 33.83 -1.70 13.18
C SER B 354 32.56 -1.92 12.38
N SER B 355 31.42 -1.60 13.01
CA SER B 355 30.12 -1.97 12.43
C SER B 355 29.92 -1.46 11.00
N PRO B 356 30.25 -0.21 10.64
CA PRO B 356 30.02 0.21 9.24
C PRO B 356 30.82 -0.59 8.23
N ALA B 357 32.02 -1.06 8.60
CA ALA B 357 32.81 -1.86 7.66
C ALA B 357 32.13 -3.18 7.34
N ILE B 358 31.59 -3.86 8.35
CA ILE B 358 30.79 -5.05 8.08
C ILE B 358 29.56 -4.68 7.28
N GLU B 359 28.91 -3.56 7.65
CA GLU B 359 27.68 -3.13 7.00
C GLU B 359 27.90 -2.83 5.52
N SER B 360 29.12 -2.52 5.12
CA SER B 360 29.37 -2.14 3.73
C SER B 360 29.05 -3.27 2.76
N HIS B 361 29.35 -4.52 3.13
CA HIS B 361 29.43 -5.59 2.15
C HIS B 361 28.48 -6.76 2.43
N ILE B 362 27.28 -6.50 2.96
CA ILE B 362 26.29 -7.58 3.01
C ILE B 362 25.79 -7.92 1.63
N HIS B 363 25.55 -6.92 0.78
CA HIS B 363 25.01 -7.16 -0.55
C HIS B 363 25.90 -8.06 -1.40
N ARG B 364 27.10 -8.40 -0.92
CA ARG B 364 28.01 -9.28 -1.63
C ARG B 364 27.96 -10.71 -1.11
N ILE B 365 26.99 -11.02 -0.25
CA ILE B 365 26.82 -12.40 0.22
C ILE B 365 26.26 -13.26 -0.92
N GLU B 366 26.90 -14.40 -1.15
CA GLU B 366 26.47 -15.32 -2.18
C GLU B 366 25.22 -16.06 -1.71
N GLY B 367 24.21 -16.14 -2.58
CA GLY B 367 22.96 -16.76 -2.27
C GLY B 367 21.91 -15.82 -1.70
N LEU B 368 22.30 -14.58 -1.38
CA LEU B 368 21.38 -13.60 -0.85
C LEU B 368 20.36 -13.18 -1.91
N SER B 369 19.10 -13.04 -1.52
CA SER B 369 18.04 -12.62 -2.43
C SER B 369 18.25 -11.15 -2.81
N GLN B 370 17.63 -10.73 -3.91
CA GLN B 370 17.79 -9.36 -4.40
C GLN B 370 17.31 -8.33 -3.39
N LYS B 371 16.22 -8.61 -2.69
CA LYS B 371 15.76 -7.78 -1.58
C LYS B 371 15.91 -8.53 -0.28
N PHE B 372 16.58 -7.91 0.69
CA PHE B 372 16.84 -8.55 1.97
C PHE B 372 16.63 -7.52 3.07
N ILE B 373 16.39 -8.02 4.28
CA ILE B 373 16.14 -7.18 5.45
C ILE B 373 17.34 -7.28 6.37
N TYR B 374 17.84 -6.12 6.81
CA TYR B 374 19.03 -6.05 7.65
C TYR B 374 18.60 -5.83 9.10
N LEU B 375 18.84 -6.83 9.94
CA LEU B 375 18.54 -6.79 11.36
C LEU B 375 19.81 -6.52 12.15
N ASN B 376 19.72 -5.69 13.18
CA ASN B 376 20.88 -5.25 13.93
C ASN B 376 21.04 -5.96 15.27
N ASP B 377 20.46 -7.15 15.42
CA ASP B 377 20.72 -8.05 16.54
C ASP B 377 20.08 -7.55 17.84
N ASP B 378 19.53 -6.34 17.82
CA ASP B 378 18.79 -5.82 18.97
C ASP B 378 17.39 -5.36 18.59
N VAL B 379 17.07 -5.29 17.31
CA VAL B 379 15.73 -4.93 16.85
C VAL B 379 14.93 -6.21 16.63
N MET B 380 13.67 -6.19 17.07
CA MET B 380 12.81 -7.36 16.98
C MET B 380 11.59 -7.00 16.15
N PHE B 381 10.61 -7.89 16.13
CA PHE B 381 9.37 -7.66 15.39
C PHE B 381 8.18 -7.68 16.34
N GLY B 382 7.02 -7.40 15.77
CA GLY B 382 5.78 -7.42 16.52
C GLY B 382 4.62 -7.16 15.59
N LYS B 383 3.43 -7.50 16.07
CA LYS B 383 2.18 -7.24 15.34
C LYS B 383 2.17 -7.91 13.97
N ASP B 384 2.95 -8.99 13.80
CA ASP B 384 2.92 -9.82 12.58
C ASP B 384 3.22 -8.98 11.33
N VAL B 385 4.46 -8.49 11.27
CA VAL B 385 4.86 -7.69 10.11
C VAL B 385 4.79 -8.52 8.83
N TRP B 386 4.68 -7.83 7.72
CA TRP B 386 4.52 -8.42 6.40
C TRP B 386 5.41 -7.69 5.42
N PRO B 387 5.73 -8.30 4.28
CA PRO B 387 6.55 -7.59 3.28
C PRO B 387 5.91 -6.31 2.78
N ASP B 388 4.60 -6.15 2.97
CA ASP B 388 3.92 -4.91 2.66
C ASP B 388 4.39 -3.75 3.53
N ASP B 389 5.06 -4.03 4.64
CA ASP B 389 5.55 -3.00 5.56
C ASP B 389 6.93 -2.49 5.19
N PHE B 390 7.58 -3.09 4.19
CA PHE B 390 8.90 -2.67 3.75
C PHE B 390 8.94 -2.20 2.31
N TYR B 391 8.08 -2.71 1.44
CA TYR B 391 8.12 -2.38 0.02
C TYR B 391 6.73 -2.56 -0.56
N SER B 392 6.38 -1.68 -1.49
CA SER B 392 5.12 -1.75 -2.21
C SER B 392 5.39 -1.64 -3.70
N HIS B 393 4.70 -2.46 -4.50
CA HIS B 393 4.88 -2.40 -5.95
C HIS B 393 4.47 -1.06 -6.53
N SER B 394 3.59 -0.33 -5.84
CA SER B 394 3.06 0.93 -6.37
C SER B 394 3.92 2.13 -5.93
N LYS B 395 4.17 2.24 -4.63
CA LYS B 395 4.89 3.39 -4.08
C LYS B 395 6.33 3.05 -3.71
N GLY B 396 6.85 1.92 -4.18
CA GLY B 396 8.24 1.58 -3.97
C GLY B 396 8.59 1.25 -2.54
N GLN B 397 9.87 1.36 -2.19
CA GLN B 397 10.31 1.05 -0.84
C GLN B 397 9.74 2.05 0.16
N LYS B 398 9.57 1.60 1.39
CA LYS B 398 8.99 2.40 2.46
C LYS B 398 10.12 2.93 3.34
N VAL B 399 10.25 4.26 3.42
CA VAL B 399 11.31 4.91 4.16
C VAL B 399 10.74 5.46 5.45
N TYR B 400 11.33 5.07 6.57
CA TYR B 400 10.93 5.54 7.90
C TYR B 400 12.01 6.52 8.38
N LEU B 401 11.62 7.77 8.56
CA LEU B 401 12.56 8.84 8.90
C LEU B 401 12.29 9.34 10.30
N THR B 402 13.23 10.12 10.83
CA THR B 402 13.23 10.51 12.24
C THR B 402 13.66 11.97 12.38
N TRP B 403 14.08 12.35 13.59
CA TRP B 403 14.60 13.68 13.88
C TRP B 403 15.57 14.17 12.82
N PRO B 404 15.44 15.43 12.39
CA PRO B 404 16.30 15.96 11.33
C PRO B 404 17.77 15.98 11.73
N VAL B 405 18.64 15.71 10.76
CA VAL B 405 20.07 15.68 11.00
C VAL B 405 20.59 17.08 11.31
N THR B 900 30.68 9.83 17.22
CA THR B 900 31.29 9.15 16.08
C THR B 900 30.23 8.67 15.10
N PHE B 901 28.98 8.73 15.52
CA PHE B 901 27.85 8.38 14.65
C PHE B 901 27.15 9.61 14.09
N ALA B 902 26.97 10.66 14.90
CA ALA B 902 26.45 11.90 14.37
C ALA B 902 27.44 12.55 13.41
N ASP B 903 28.74 12.37 13.67
CA ASP B 903 29.75 12.86 12.74
C ASP B 903 29.64 12.16 11.39
N SER B 904 29.37 10.86 11.40
CA SER B 904 29.16 10.14 10.15
C SER B 904 27.94 10.65 9.42
N LEU B 905 26.86 10.96 10.16
CA LEU B 905 25.67 11.52 9.54
C LEU B 905 25.97 12.87 8.90
N ARG B 906 26.72 13.73 9.59
CA ARG B 906 27.10 15.02 9.02
C ARG B 906 27.96 14.85 7.78
N TYR B 907 28.92 13.92 7.83
CA TYR B 907 29.81 13.70 6.69
C TYR B 907 29.04 13.21 5.48
N VAL B 908 28.15 12.23 5.68
CA VAL B 908 27.35 11.72 4.57
C VAL B 908 26.40 12.79 4.06
N ASN B 909 25.88 13.63 4.95
CA ASN B 909 25.05 14.75 4.50
C ASN B 909 25.83 15.68 3.59
N LYS B 910 27.08 15.99 3.96
CA LYS B 910 27.93 16.83 3.11
C LYS B 910 28.18 16.16 1.77
N ILE B 911 28.52 14.87 1.78
CA ILE B 911 28.80 14.15 0.55
C ILE B 911 27.60 14.07 -0.38
N LEU B 912 26.41 13.83 0.16
CA LEU B 912 25.18 13.79 -0.64
C LEU B 912 24.77 15.17 -1.14
N ASN B 913 25.00 16.22 -0.33
CA ASN B 913 24.72 17.57 -0.80
C ASN B 913 25.66 17.96 -1.93
N SER B 914 26.90 17.45 -1.89
CA SER B 914 27.84 17.68 -2.97
C SER B 914 27.34 17.07 -4.28
N LYS B 915 26.74 15.88 -4.20
CA LYS B 915 26.32 15.18 -5.41
C LYS B 915 24.91 15.58 -5.84
N PHE B 916 23.95 15.50 -4.93
CA PHE B 916 22.54 15.68 -5.27
C PHE B 916 21.99 17.04 -4.85
N GLY B 917 22.86 17.99 -4.51
CA GLY B 917 22.40 19.31 -4.12
C GLY B 917 21.98 19.39 -2.66
N PHE B 918 21.88 20.60 -2.13
CA PHE B 918 21.55 20.79 -0.72
C PHE B 918 20.07 20.51 -0.48
N THR B 919 19.77 19.73 0.54
CA THR B 919 18.41 19.43 0.94
C THR B 919 18.38 19.24 2.45
N SER B 920 17.30 19.72 3.08
CA SER B 920 17.11 19.52 4.51
C SER B 920 16.73 18.06 4.75
N ARG B 921 17.64 17.30 5.35
CA ARG B 921 17.49 15.85 5.46
C ARG B 921 17.20 15.43 6.90
N LYS B 922 16.39 14.40 7.04
CA LYS B 922 16.15 13.69 8.28
C LYS B 922 16.95 12.40 8.28
N VAL B 923 17.10 11.77 9.44
CA VAL B 923 17.85 10.52 9.50
C VAL B 923 16.88 9.36 9.70
N PRO B 924 17.17 8.17 9.18
CA PRO B 924 16.25 7.05 9.32
C PRO B 924 16.22 6.49 10.73
N ALA B 925 15.23 5.64 10.98
CA ALA B 925 15.03 5.01 12.27
C ALA B 925 15.85 3.73 12.38
N HIS B 926 16.11 3.32 13.61
CA HIS B 926 16.78 2.05 13.89
C HIS B 926 15.73 0.95 13.87
N MET B 927 15.67 0.22 12.76
CA MET B 927 14.64 -0.79 12.55
C MET B 927 15.08 -1.74 11.45
N PRO B 928 14.44 -2.89 11.27
CA PRO B 928 14.80 -3.80 10.18
C PRO B 928 14.66 -3.11 8.83
N HIS B 929 15.79 -2.92 8.14
CA HIS B 929 15.85 -2.19 6.90
C HIS B 929 15.82 -3.14 5.72
N MET B 930 14.88 -2.94 4.81
CA MET B 930 14.87 -3.67 3.55
C MET B 930 15.83 -3.01 2.58
N ILE B 931 16.72 -3.81 1.99
CA ILE B 931 17.79 -3.32 1.13
C ILE B 931 17.76 -4.09 -0.17
N ASP B 932 17.85 -3.36 -1.29
CA ASP B 932 17.96 -3.97 -2.60
C ASP B 932 19.43 -4.05 -2.99
N ARG B 933 19.88 -5.23 -3.39
CA ARG B 933 21.27 -5.42 -3.76
C ARG B 933 21.69 -4.60 -4.97
N ILE B 934 20.81 -4.47 -5.97
CA ILE B 934 21.15 -3.70 -7.16
C ILE B 934 21.34 -2.23 -6.80
N VAL B 935 20.42 -1.68 -6.00
CA VAL B 935 20.52 -0.28 -5.59
C VAL B 935 21.76 -0.06 -4.74
N MET B 936 22.04 -0.98 -3.81
CA MET B 936 23.22 -0.83 -2.97
C MET B 936 24.50 -0.91 -3.78
N GLN B 937 24.54 -1.81 -4.76
CA GLN B 937 25.71 -1.92 -5.63
C GLN B 937 25.89 -0.66 -6.47
N GLU B 938 24.78 -0.08 -6.95
CA GLU B 938 24.86 1.17 -7.68
C GLU B 938 25.40 2.29 -6.79
N LEU B 939 24.96 2.32 -5.52
CA LEU B 939 25.48 3.32 -4.58
C LEU B 939 26.97 3.11 -4.34
N GLN B 940 27.40 1.86 -4.19
CA GLN B 940 28.82 1.58 -3.98
C GLN B 940 29.64 2.01 -5.19
N ASP B 941 29.13 1.74 -6.40
CA ASP B 941 29.83 2.15 -7.62
C ASP B 941 29.84 3.67 -7.77
N MET B 942 28.80 4.35 -7.31
CA MET B 942 28.75 5.80 -7.41
C MET B 942 29.81 6.46 -6.54
N PHE B 943 30.15 5.86 -5.41
CA PHE B 943 31.18 6.38 -4.51
C PHE B 943 32.17 5.25 -4.23
N PRO B 944 33.03 4.92 -5.18
CA PRO B 944 33.97 3.81 -4.98
C PRO B 944 35.03 4.14 -3.95
N GLU B 945 35.51 5.38 -3.97
CA GLU B 945 36.57 5.80 -3.07
C GLU B 945 36.06 5.91 -1.64
N GLU B 946 34.85 6.45 -1.45
CA GLU B 946 34.38 6.73 -0.10
C GLU B 946 34.03 5.46 0.66
N PHE B 947 33.40 4.47 0.00
CA PHE B 947 33.10 3.23 0.68
C PHE B 947 34.36 2.43 1.00
N ASP B 948 35.46 2.71 0.30
CA ASP B 948 36.74 2.07 0.66
C ASP B 948 37.29 2.64 1.96
N LYS B 949 37.08 3.94 2.20
CA LYS B 949 37.45 4.51 3.49
C LYS B 949 36.67 3.86 4.63
N THR B 950 35.38 3.60 4.41
CA THR B 950 34.57 2.92 5.41
C THR B 950 35.12 1.53 5.71
N SER B 951 35.52 0.80 4.66
CA SER B 951 36.07 -0.55 4.85
C SER B 951 37.49 -0.53 5.43
N PHE B 952 38.29 0.48 5.09
CA PHE B 952 39.67 0.55 5.58
C PHE B 952 39.73 0.73 7.09
N HIS B 953 38.90 1.61 7.63
CA HIS B 953 38.93 1.93 9.05
C HIS B 953 38.55 0.72 9.90
N LYS B 954 39.44 0.34 10.80
CA LYS B 954 39.22 -0.79 11.69
C LYS B 954 38.61 -0.38 13.03
N VAL B 955 38.29 0.90 13.19
CA VAL B 955 37.41 1.39 14.25
C VAL B 955 36.44 2.38 13.61
N ARG B 956 35.17 2.33 14.02
CA ARG B 956 34.17 3.24 13.49
C ARG B 956 34.64 4.68 13.58
N HIS B 957 34.84 5.29 12.42
CA HIS B 957 35.47 6.60 12.31
C HIS B 957 34.38 7.68 12.21
N SER B 958 34.78 8.93 12.35
CA SER B 958 33.87 10.04 12.10
C SER B 958 33.43 10.07 10.64
N GLU B 959 34.34 9.76 9.73
CA GLU B 959 34.02 9.77 8.31
C GLU B 959 33.87 8.37 7.74
N ASP B 960 32.64 7.87 7.68
CA ASP B 960 32.32 6.63 6.98
C ASP B 960 30.86 6.68 6.56
N MET B 961 30.51 5.79 5.63
CA MET B 961 29.16 5.72 5.10
C MET B 961 28.30 4.79 5.93
N GLN B 962 27.09 5.24 6.27
CA GLN B 962 26.17 4.43 7.07
C GLN B 962 25.45 3.40 6.22
N PHE B 963 24.44 2.76 6.81
CA PHE B 963 23.62 1.79 6.11
C PHE B 963 22.28 2.43 5.79
N ALA B 964 21.54 2.93 6.77
CA ALA B 964 20.22 3.47 6.53
C ALA B 964 20.28 4.81 5.81
N PHE B 965 21.16 5.71 6.28
CA PHE B 965 21.18 7.07 5.77
C PHE B 965 21.69 7.12 4.33
N SER B 966 22.76 6.38 4.04
CA SER B 966 23.35 6.42 2.70
C SER B 966 22.45 5.76 1.67
N TYR B 967 21.89 4.59 2.00
CA TYR B 967 21.07 3.86 1.05
C TYR B 967 19.76 4.59 0.77
N PHE B 968 19.06 5.02 1.81
CA PHE B 968 17.73 5.59 1.63
C PHE B 968 17.79 6.92 0.90
N TYR B 969 18.79 7.76 1.21
CA TYR B 969 18.84 9.07 0.58
C TYR B 969 19.38 8.99 -0.84
N TYR B 970 20.24 8.01 -1.14
CA TYR B 970 20.55 7.73 -2.54
C TYR B 970 19.31 7.23 -3.26
N LEU B 971 18.50 6.40 -2.59
CA LEU B 971 17.26 5.92 -3.17
C LEU B 971 16.31 7.09 -3.45
N MET B 972 16.23 8.05 -2.53
CA MET B 972 15.31 9.17 -2.66
C MET B 972 15.85 10.29 -3.54
N SER B 973 17.14 10.25 -3.90
CA SER B 973 17.73 11.31 -4.73
C SER B 973 18.43 10.74 -5.96
N ALA B 974 18.05 9.55 -6.41
CA ALA B 974 18.60 8.97 -7.62
C ALA B 974 17.85 9.55 -8.82
N VAL B 975 18.56 10.26 -9.68
CA VAL B 975 17.96 11.00 -10.79
C VAL B 975 18.16 10.20 -12.07
N GLN B 976 17.08 9.97 -12.81
CA GLN B 976 17.13 9.27 -14.09
C GLN B 976 16.98 10.25 -15.24
N PRO B 977 17.86 10.22 -16.22
CA PRO B 977 17.72 11.11 -17.38
C PRO B 977 16.49 10.76 -18.20
N LEU B 978 15.97 11.78 -18.88
CA LEU B 978 14.75 11.62 -19.65
C LEU B 978 15.01 10.79 -20.89
N ASN B 979 14.09 9.87 -21.18
CA ASN B 979 14.16 9.01 -22.36
C ASN B 979 13.18 9.55 -23.39
N ILE B 980 13.70 10.22 -24.42
CA ILE B 980 12.84 10.81 -25.43
C ILE B 980 12.00 9.74 -26.14
N SER B 981 12.57 8.55 -26.34
CA SER B 981 11.79 7.45 -26.90
C SER B 981 10.60 7.11 -26.01
N GLN B 982 10.77 7.19 -24.69
CA GLN B 982 9.64 6.96 -23.79
C GLN B 982 8.54 7.99 -23.96
N VAL B 983 8.92 9.27 -24.12
CA VAL B 983 7.91 10.31 -24.34
C VAL B 983 7.17 10.05 -25.65
N PHE B 984 7.92 9.73 -26.70
CA PHE B 984 7.29 9.47 -27.99
C PHE B 984 6.37 8.26 -27.92
N ASP B 985 6.75 7.23 -27.15
CA ASP B 985 5.94 6.03 -27.06
C ASP B 985 4.70 6.26 -26.21
N GLU B 986 4.82 7.03 -25.12
CA GLU B 986 3.65 7.31 -24.30
C GLU B 986 2.67 8.23 -25.01
N VAL B 987 3.17 9.06 -25.93
CA VAL B 987 2.27 9.88 -26.72
C VAL B 987 1.66 9.12 -27.90
N ASP B 988 2.44 8.28 -28.57
CA ASP B 988 1.94 7.53 -29.72
C ASP B 988 1.05 6.39 -29.27
N THR B 989 -0.26 6.66 -29.15
CA THR B 989 -1.19 5.67 -28.65
C THR B 989 -1.41 4.55 -29.67
N ASP B 990 -1.35 4.89 -30.96
CA ASP B 990 -1.53 3.87 -32.00
C ASP B 990 -0.42 2.83 -31.98
N GLN B 991 0.75 3.21 -31.47
CA GLN B 991 1.96 2.38 -31.55
C GLN B 991 2.27 2.05 -33.00
N SER B 992 1.97 3.00 -33.90
CA SER B 992 2.18 2.83 -35.33
C SER B 992 3.43 3.55 -35.82
N GLY B 993 4.19 4.19 -34.93
CA GLY B 993 5.40 4.87 -35.32
C GLY B 993 5.21 6.29 -35.76
N VAL B 994 4.04 6.61 -36.32
CA VAL B 994 3.73 7.94 -36.79
C VAL B 994 2.65 8.55 -35.91
N LEU B 995 2.71 9.86 -35.73
CA LEU B 995 1.76 10.57 -34.90
C LEU B 995 0.71 11.26 -35.77
N SER B 996 -0.50 11.41 -35.25
CA SER B 996 -1.58 12.12 -35.90
C SER B 996 -1.77 13.48 -35.24
N ASP B 997 -2.77 14.22 -35.74
CA ASP B 997 -3.04 15.54 -35.17
C ASP B 997 -3.38 15.47 -33.69
N ARG B 998 -4.11 14.43 -33.27
CA ARG B 998 -4.48 14.29 -31.86
C ARG B 998 -3.25 14.05 -31.00
N GLU B 999 -2.34 13.19 -31.45
CA GLU B 999 -1.12 12.93 -30.70
C GLU B 999 -0.15 14.10 -30.73
N ILE B 1000 -0.05 14.81 -31.85
CA ILE B 1000 0.73 16.05 -31.85
C ILE B 1000 0.12 17.06 -30.89
N ARG B 1001 -1.21 17.12 -30.81
CA ARG B 1001 -1.84 18.04 -29.87
C ARG B 1001 -1.58 17.66 -28.42
N THR B 1002 -1.57 16.36 -28.09
CA THR B 1002 -1.24 16.00 -26.71
C THR B 1002 0.24 16.25 -26.41
N LEU B 1003 1.12 16.09 -27.40
CA LEU B 1003 2.49 16.59 -27.26
C LEU B 1003 2.50 18.07 -26.90
N ALA B 1004 1.72 18.87 -27.65
CA ALA B 1004 1.72 20.31 -27.41
C ALA B 1004 1.19 20.64 -26.02
N THR B 1005 0.16 19.92 -25.58
CA THR B 1005 -0.37 20.12 -24.22
C THR B 1005 0.68 19.80 -23.17
N ARG B 1006 1.37 18.67 -23.33
CA ARG B 1006 2.35 18.26 -22.31
C ARG B 1006 3.59 19.13 -22.33
N ILE B 1007 3.90 19.74 -23.48
CA ILE B 1007 5.12 20.55 -23.59
C ILE B 1007 4.87 21.96 -23.10
N HIS B 1008 3.84 22.62 -23.62
CA HIS B 1008 3.58 24.01 -23.27
C HIS B 1008 2.81 24.09 -21.96
N GLU B 1009 2.44 25.31 -21.58
CA GLU B 1009 1.69 25.57 -20.35
C GLU B 1009 0.27 25.95 -20.73
N LEU B 1010 -0.70 25.33 -20.06
CA LEU B 1010 -2.10 25.59 -20.36
C LEU B 1010 -2.47 27.02 -19.96
N PRO B 1011 -3.38 27.66 -20.70
CA PRO B 1011 -4.10 27.11 -21.86
C PRO B 1011 -3.26 27.11 -23.12
N LEU B 1012 -3.58 26.19 -24.04
CA LEU B 1012 -2.81 26.02 -25.27
C LEU B 1012 -3.36 26.95 -26.34
N SER B 1013 -2.65 28.03 -26.59
CA SER B 1013 -2.97 28.88 -27.74
C SER B 1013 -2.53 28.19 -29.02
N LEU B 1014 -3.28 28.41 -30.10
CA LEU B 1014 -2.95 27.79 -31.37
C LEU B 1014 -1.58 28.24 -31.87
N GLN B 1015 -1.08 29.36 -31.34
CA GLN B 1015 0.28 29.78 -31.67
C GLN B 1015 1.29 28.71 -31.25
N ASP B 1016 1.09 28.10 -30.07
CA ASP B 1016 2.02 27.09 -29.60
C ASP B 1016 2.02 25.87 -30.51
N LEU B 1017 0.84 25.40 -30.91
CA LEU B 1017 0.75 24.23 -31.78
C LEU B 1017 1.31 24.53 -33.16
N THR B 1018 1.02 25.70 -33.71
CA THR B 1018 1.57 26.08 -35.00
C THR B 1018 3.09 26.19 -34.92
N GLY B 1019 3.62 26.72 -33.82
CA GLY B 1019 5.06 26.76 -33.64
C GLY B 1019 5.67 25.38 -33.55
N LEU B 1020 4.98 24.45 -32.89
CA LEU B 1020 5.45 23.07 -32.84
C LEU B 1020 5.54 22.47 -34.24
N GLU B 1021 4.48 22.64 -35.03
CA GLU B 1021 4.52 22.13 -36.40
C GLU B 1021 5.57 22.86 -37.24
N HIS B 1022 5.84 24.13 -36.93
CA HIS B 1022 6.88 24.86 -37.66
C HIS B 1022 8.27 24.33 -37.34
N MET B 1023 8.54 24.06 -36.07
CA MET B 1023 9.81 23.44 -35.70
C MET B 1023 9.94 22.05 -36.32
N LEU B 1024 8.81 21.35 -36.45
CA LEU B 1024 8.85 20.03 -37.08
C LEU B 1024 9.12 20.12 -38.58
N ILE B 1025 8.51 21.08 -39.28
CA ILE B 1025 8.72 21.19 -40.72
C ILE B 1025 10.13 21.72 -41.00
N ASN B 1026 10.66 22.59 -40.14
CA ASN B 1026 12.05 23.00 -40.27
C ASN B 1026 12.98 21.80 -40.25
N CYS B 1027 12.84 20.92 -39.24
CA CYS B 1027 13.80 19.86 -39.01
C CYS B 1027 13.86 18.89 -40.18
N SER B 1028 12.71 18.55 -40.75
CA SER B 1028 12.69 17.63 -41.89
C SER B 1028 13.43 18.23 -43.08
N LYS B 1029 13.26 19.53 -43.31
CA LYS B 1029 13.96 20.19 -44.40
C LYS B 1029 15.48 20.19 -44.17
N MET B 1030 15.90 20.47 -42.93
CA MET B 1030 17.33 20.49 -42.64
C MET B 1030 17.93 19.10 -42.71
N LEU B 1031 17.22 18.09 -42.19
CA LEU B 1031 17.71 16.72 -42.20
C LEU B 1031 17.80 16.18 -43.63
N GLU B 1046 -5.49 9.87 -42.75
CA GLU B 1046 -4.23 10.18 -42.11
C GLU B 1046 -3.57 11.41 -42.73
N SER B 1047 -4.28 12.54 -42.66
CA SER B 1047 -3.79 13.79 -43.22
C SER B 1047 -3.80 14.86 -42.13
N TYR B 1048 -2.71 15.62 -42.04
CA TYR B 1048 -2.59 16.71 -41.09
C TYR B 1048 -3.21 17.98 -41.67
N TYR B 1049 -3.63 18.88 -40.78
CA TYR B 1049 -4.29 20.11 -41.23
C TYR B 1049 -3.34 20.96 -42.08
N ASP B 1050 -2.11 21.12 -41.63
CA ASP B 1050 -1.13 21.86 -42.41
C ASP B 1050 -0.57 20.96 -43.49
N PRO B 1051 -0.75 21.26 -44.78
CA PRO B 1051 -0.27 20.36 -45.84
C PRO B 1051 1.24 20.22 -45.88
N ASN B 1052 1.99 21.13 -45.27
CA ASN B 1052 3.45 21.12 -45.34
C ASN B 1052 4.09 20.32 -44.21
N LEU B 1053 3.29 19.69 -43.35
CA LEU B 1053 3.90 18.97 -42.24
C LEU B 1053 4.22 17.53 -42.65
N PRO B 1054 5.47 17.10 -42.56
CA PRO B 1054 5.83 15.74 -42.97
C PRO B 1054 5.31 14.72 -41.98
N PRO B 1055 5.30 13.44 -42.34
CA PRO B 1055 4.93 12.41 -41.37
C PRO B 1055 5.82 12.48 -40.14
N VAL B 1056 5.20 12.48 -38.97
CA VAL B 1056 5.89 12.71 -37.70
C VAL B 1056 6.20 11.35 -37.11
N THR B 1057 7.38 10.81 -37.46
CA THR B 1057 7.88 9.59 -36.86
C THR B 1057 8.80 9.93 -35.70
N LYS B 1058 9.34 8.88 -35.07
CA LYS B 1058 10.19 9.08 -33.90
C LYS B 1058 11.47 9.85 -34.25
N SER B 1059 12.01 9.60 -35.44
CA SER B 1059 13.29 10.20 -35.82
C SER B 1059 13.19 11.71 -35.89
N LEU B 1060 12.06 12.21 -36.41
CA LEU B 1060 11.89 13.65 -36.54
C LEU B 1060 11.90 14.35 -35.18
N VAL B 1061 11.14 13.81 -34.22
CA VAL B 1061 11.05 14.45 -32.91
C VAL B 1061 12.35 14.27 -32.13
N THR B 1062 12.99 13.10 -32.24
CA THR B 1062 14.20 12.86 -31.45
C THR B 1062 15.41 13.60 -32.01
N ASN B 1063 15.34 14.05 -33.26
CA ASN B 1063 16.46 14.77 -33.87
C ASN B 1063 16.22 16.27 -33.95
N CYS B 1064 15.01 16.74 -33.71
CA CYS B 1064 14.71 18.16 -33.74
C CYS B 1064 15.14 18.77 -32.41
N LYS B 1065 16.18 19.60 -32.44
CA LYS B 1065 16.73 20.17 -31.21
C LYS B 1065 15.74 21.04 -30.44
N PRO B 1066 14.99 21.96 -31.06
CA PRO B 1066 14.04 22.77 -30.26
C PRO B 1066 12.97 21.93 -29.56
N VAL B 1067 12.44 20.91 -30.25
CA VAL B 1067 11.41 20.08 -29.65
C VAL B 1067 11.97 19.29 -28.48
N THR B 1068 13.17 18.72 -28.64
CA THR B 1068 13.80 18.01 -27.53
C THR B 1068 14.10 18.95 -26.38
N ASP B 1069 14.52 20.19 -26.67
CA ASP B 1069 14.78 21.15 -25.61
C ASP B 1069 13.52 21.47 -24.82
N LYS B 1070 12.41 21.68 -25.53
CA LYS B 1070 11.15 21.94 -24.83
C LYS B 1070 10.66 20.71 -24.07
N ILE B 1071 10.91 19.52 -24.60
CA ILE B 1071 10.54 18.29 -23.89
C ILE B 1071 11.34 18.16 -22.60
N HIS B 1072 12.64 18.45 -22.65
CA HIS B 1072 13.46 18.41 -21.45
C HIS B 1072 13.02 19.46 -20.45
N LYS B 1073 12.70 20.66 -20.93
CA LYS B 1073 12.27 21.73 -20.03
C LYS B 1073 10.94 21.41 -19.37
N ALA B 1074 10.03 20.77 -20.09
CA ALA B 1074 8.74 20.37 -19.51
C ALA B 1074 8.89 19.12 -18.66
N TYR B 1075 9.34 18.02 -19.26
CA TYR B 1075 9.65 16.82 -18.50
C TYR B 1075 11.01 16.98 -17.84
N LYS B 1076 11.02 17.68 -16.71
CA LYS B 1076 12.28 17.78 -16.00
C LYS B 1076 12.59 16.45 -15.32
N ASP B 1077 13.71 16.41 -14.60
CA ASP B 1077 14.26 15.17 -14.08
C ASP B 1077 13.28 14.46 -13.14
N LYS B 1078 13.07 13.16 -13.39
CA LYS B 1078 12.27 12.35 -12.50
C LYS B 1078 13.17 11.72 -11.44
N ASN B 1079 12.66 10.79 -10.66
CA ASN B 1079 13.47 10.06 -9.70
C ASN B 1079 13.60 8.62 -10.16
N LYS B 1080 14.83 8.10 -10.13
CA LYS B 1080 15.09 6.76 -10.64
C LYS B 1080 14.36 5.69 -9.83
N TYR B 1081 14.18 5.90 -8.53
CA TYR B 1081 13.58 4.91 -7.65
C TYR B 1081 12.42 5.53 -6.90
N ARG B 1082 11.33 4.77 -6.78
CA ARG B 1082 10.16 5.20 -6.03
C ARG B 1082 10.36 4.94 -4.54
N PHE B 1083 9.74 5.77 -3.71
CA PHE B 1083 9.86 5.65 -2.27
C PHE B 1083 8.61 6.22 -1.62
N GLU B 1084 8.42 5.88 -0.35
CA GLU B 1084 7.29 6.34 0.44
C GLU B 1084 7.79 6.72 1.83
N ILE B 1085 7.24 7.78 2.39
CA ILE B 1085 7.73 8.35 3.65
C ILE B 1085 6.64 8.25 4.71
N MET B 1086 6.98 7.65 5.86
CA MET B 1086 6.09 7.58 7.02
C MET B 1086 6.83 8.05 8.27
N GLY B 1087 6.08 8.20 9.36
CA GLY B 1087 6.61 8.67 10.61
C GLY B 1087 7.03 7.56 11.54
N GLU B 1088 7.33 7.95 12.78
CA GLU B 1088 7.77 7.01 13.80
C GLU B 1088 6.62 6.33 14.52
N GLU B 1089 5.60 5.87 13.79
CA GLU B 1089 4.41 5.38 14.49
C GLU B 1089 4.43 3.88 14.78
N GLU B 1090 5.18 3.07 14.02
CA GLU B 1090 5.28 1.65 14.33
C GLU B 1090 6.69 1.28 14.73
N ILE B 1091 7.41 2.21 15.35
CA ILE B 1091 8.80 1.98 15.73
C ILE B 1091 8.96 2.29 17.21
N ALA B 1092 9.54 1.35 17.95
CA ALA B 1092 9.75 1.48 19.38
C ALA B 1092 11.24 1.46 19.68
N PHE B 1093 11.83 2.65 19.80
CA PHE B 1093 13.22 2.80 20.22
C PHE B 1093 13.21 3.27 21.66
N LYS B 1094 13.46 2.36 22.60
CA LYS B 1094 13.44 2.67 24.01
C LYS B 1094 14.85 2.61 24.57
N MET B 1095 15.15 3.52 25.50
CA MET B 1095 16.50 3.70 26.02
C MET B 1095 16.55 3.18 27.45
N ILE B 1096 17.38 2.18 27.69
CA ILE B 1096 17.45 1.49 28.97
C ILE B 1096 18.65 2.04 29.75
N ARG B 1097 18.39 2.86 30.77
CA ARG B 1097 19.45 3.43 31.62
C ARG B 1097 19.18 3.16 33.10
N THR B 1098 19.51 1.96 33.56
CA THR B 1098 19.93 1.68 34.93
C THR B 1098 18.96 2.22 35.98
N ASN B 1099 17.73 2.55 35.58
CA ASN B 1099 16.70 2.97 36.53
C ASN B 1099 15.55 1.98 36.42
N VAL B 1100 15.41 1.12 37.42
CA VAL B 1100 14.49 -0.01 37.32
C VAL B 1100 13.05 0.49 37.15
N SER B 1101 12.69 1.56 37.84
CA SER B 1101 11.34 2.11 37.69
C SER B 1101 11.11 2.58 36.27
N HIS B 1102 12.08 3.31 35.70
CA HIS B 1102 11.93 3.80 34.33
C HIS B 1102 11.95 2.66 33.32
N VAL B 1103 12.79 1.65 33.55
CA VAL B 1103 12.84 0.50 32.64
C VAL B 1103 11.51 -0.24 32.65
N VAL B 1104 10.96 -0.46 33.85
CA VAL B 1104 9.66 -1.13 33.96
C VAL B 1104 8.57 -0.28 33.30
N GLY B 1105 8.65 1.05 33.45
CA GLY B 1105 7.68 1.90 32.78
C GLY B 1105 7.75 1.79 31.27
N GLN B 1106 8.97 1.80 30.72
CA GLN B 1106 9.12 1.67 29.27
C GLN B 1106 8.64 0.32 28.78
N LEU B 1107 8.96 -0.74 29.50
CA LEU B 1107 8.55 -2.08 29.09
C LEU B 1107 7.03 -2.24 29.18
N ASP B 1108 6.41 -1.62 30.19
CA ASP B 1108 4.95 -1.61 30.28
C ASP B 1108 4.33 -0.84 29.13
N ASP B 1109 4.95 0.28 28.74
CA ASP B 1109 4.48 1.01 27.57
C ASP B 1109 4.55 0.14 26.32
N ILE B 1110 5.65 -0.62 26.16
CA ILE B 1110 5.74 -1.54 25.03
C ILE B 1110 4.64 -2.60 25.11
N ARG B 1111 4.40 -3.14 26.31
CA ARG B 1111 3.40 -4.18 26.47
C ARG B 1111 2.00 -3.69 26.14
N LYS B 1112 1.64 -2.49 26.62
CA LYS B 1112 0.28 -1.99 26.45
C LYS B 1112 -0.04 -1.74 24.99
N ASN B 1113 0.90 -1.16 24.24
CA ASN B 1113 0.72 -0.86 22.82
C ASN B 1113 1.81 -1.57 22.03
N PRO B 1114 1.55 -2.80 21.57
CA PRO B 1114 2.54 -3.49 20.74
C PRO B 1114 2.80 -2.73 19.44
N ARG B 1115 4.07 -2.75 19.01
CA ARG B 1115 4.50 -2.04 17.83
C ARG B 1115 5.29 -2.98 16.93
N LYS B 1116 5.27 -2.69 15.63
CA LYS B 1116 5.83 -3.62 14.65
C LYS B 1116 7.33 -3.80 14.84
N PHE B 1117 8.06 -2.72 15.09
CA PHE B 1117 9.51 -2.75 15.25
C PHE B 1117 9.85 -2.27 16.66
N VAL B 1118 10.45 -3.14 17.46
CA VAL B 1118 10.80 -2.84 18.84
C VAL B 1118 12.32 -2.92 18.94
N CYS B 1119 12.94 -1.82 19.38
CA CYS B 1119 14.37 -1.77 19.60
C CYS B 1119 14.64 -1.35 21.04
N LEU B 1120 15.50 -2.11 21.72
CA LEU B 1120 15.82 -1.86 23.12
C LEU B 1120 17.34 -1.76 23.25
N ASN B 1121 17.84 -0.53 23.35
CA ASN B 1121 19.27 -0.29 23.46
C ASN B 1121 19.73 -0.62 24.87
N ASP B 1122 20.66 -1.57 25.00
CA ASP B 1122 21.08 -2.11 26.28
C ASP B 1122 22.34 -1.41 26.80
N ASN B 1123 22.21 -0.12 27.09
CA ASN B 1123 23.30 0.65 27.67
C ASN B 1123 23.13 0.77 29.18
N ILE B 1124 23.24 -0.38 29.85
CA ILE B 1124 23.24 -0.45 31.30
C ILE B 1124 24.65 -0.12 31.78
N ASP B 1125 24.75 0.54 32.94
CA ASP B 1125 26.03 0.93 33.52
C ASP B 1125 26.94 -0.27 33.76
N HIS B 1126 26.37 -1.40 34.18
CA HIS B 1126 27.07 -2.65 34.44
C HIS B 1126 27.94 -2.56 35.69
N ASN B 1127 28.03 -1.37 36.27
CA ASN B 1127 28.66 -1.16 37.57
C ASN B 1127 27.70 -0.29 38.40
N HIS B 1128 26.75 -0.95 39.05
CA HIS B 1128 25.66 -0.26 39.73
C HIS B 1128 24.89 -1.27 40.55
N LYS B 1129 24.19 -0.78 41.58
CA LYS B 1129 23.38 -1.64 42.41
C LYS B 1129 22.15 -2.17 41.68
N ASP B 1130 21.79 -1.57 40.56
CA ASP B 1130 20.59 -1.93 39.81
C ASP B 1130 20.93 -2.35 38.39
N ALA B 1131 21.95 -3.19 38.23
CA ALA B 1131 22.27 -3.74 36.92
C ALA B 1131 21.65 -5.11 36.70
N GLN B 1132 21.82 -6.02 37.67
CA GLN B 1132 21.21 -7.34 37.56
C GLN B 1132 19.70 -7.26 37.56
N THR B 1133 19.12 -6.34 38.33
CA THR B 1133 17.66 -6.19 38.35
C THR B 1133 17.14 -5.75 36.98
N VAL B 1134 17.80 -4.78 36.35
CA VAL B 1134 17.36 -4.32 35.04
C VAL B 1134 17.58 -5.41 33.99
N LYS B 1135 18.67 -6.17 34.09
CA LYS B 1135 18.85 -7.30 33.18
C LYS B 1135 17.74 -8.32 33.34
N ALA B 1136 17.35 -8.62 34.59
CA ALA B 1136 16.25 -9.56 34.82
C ALA B 1136 14.94 -9.03 34.27
N VAL B 1137 14.68 -7.72 34.43
CA VAL B 1137 13.45 -7.14 33.89
C VAL B 1137 13.44 -7.24 32.37
N LEU B 1138 14.56 -6.95 31.73
CA LEU B 1138 14.65 -7.06 30.28
C LEU B 1138 14.45 -8.50 29.81
N ARG B 1139 15.08 -9.46 30.50
CA ARG B 1139 14.93 -10.85 30.10
C ARG B 1139 13.50 -11.33 30.33
N ASP B 1140 12.84 -10.86 31.38
CA ASP B 1140 11.45 -11.20 31.60
C ASP B 1140 10.56 -10.63 30.51
N PHE B 1141 10.83 -9.39 30.08
CA PHE B 1141 10.08 -8.86 28.94
C PHE B 1141 10.30 -9.69 27.68
N TYR B 1142 11.55 -10.08 27.42
CA TYR B 1142 11.86 -10.89 26.25
C TYR B 1142 11.15 -12.24 26.31
N GLU B 1143 11.17 -12.89 27.47
CA GLU B 1143 10.54 -14.19 27.63
C GLU B 1143 9.02 -14.10 27.64
N SER B 1144 8.46 -12.95 28.01
CA SER B 1144 7.03 -12.75 27.90
C SER B 1144 6.62 -12.58 26.45
N MET B 1145 7.37 -11.80 25.68
CA MET B 1145 7.02 -11.57 24.28
C MET B 1145 7.19 -12.83 23.45
N PHE B 1146 8.34 -13.49 23.58
CA PHE B 1146 8.71 -14.63 22.74
C PHE B 1146 9.19 -15.78 23.63
N PRO B 1147 8.27 -16.57 24.18
CA PRO B 1147 8.66 -17.65 25.09
C PRO B 1147 9.04 -18.96 24.42
N ILE B 1148 8.51 -19.25 23.24
CA ILE B 1148 8.65 -20.56 22.61
C ILE B 1148 10.02 -20.63 21.95
N PRO B 1149 10.84 -21.65 22.25
CA PRO B 1149 12.12 -21.80 21.55
C PRO B 1149 11.94 -21.91 20.04
N SER B 1150 12.85 -21.32 19.28
CA SER B 1150 12.74 -21.29 17.83
C SER B 1150 13.38 -22.53 17.21
N GLN B 1151 13.24 -22.64 15.89
CA GLN B 1151 13.85 -23.75 15.15
C GLN B 1151 15.35 -23.55 14.96
N PHE B 1152 15.86 -22.35 15.16
CA PHE B 1152 17.27 -22.04 14.98
C PHE B 1152 18.06 -22.20 16.28
N GLU B 1153 17.43 -22.72 17.32
CA GLU B 1153 18.07 -22.87 18.63
C GLU B 1153 18.30 -24.35 18.91
N LEU B 1154 19.50 -24.67 19.36
CA LEU B 1154 19.84 -26.03 19.71
C LEU B 1154 18.97 -26.49 20.89
N PRO B 1155 18.58 -27.77 20.92
CA PRO B 1155 17.84 -28.27 22.09
C PRO B 1155 18.63 -28.06 23.36
N ARG B 1156 18.17 -27.14 24.20
CA ARG B 1156 18.94 -26.70 25.36
C ARG B 1156 18.03 -26.04 26.38
N GLU B 1157 18.63 -25.30 27.31
CA GLU B 1157 17.90 -24.59 28.37
C GLU B 1157 17.17 -25.58 29.26
N TYR B 1158 17.68 -26.81 29.35
CA TYR B 1158 17.21 -27.72 30.38
C TYR B 1158 17.68 -27.22 31.74
N ARG B 1159 16.74 -27.17 32.69
CA ARG B 1159 16.97 -26.66 34.05
C ARG B 1159 17.76 -25.37 34.07
N ASN B 1160 17.59 -24.54 33.03
CA ASN B 1160 18.36 -23.29 32.95
C ASN B 1160 18.03 -22.38 34.12
N ARG B 1161 16.74 -22.13 34.35
CA ARG B 1161 16.24 -21.44 35.53
C ARG B 1161 17.04 -20.17 35.85
N PHE B 1162 16.97 -19.22 34.93
CA PHE B 1162 17.51 -17.90 35.21
C PHE B 1162 16.78 -17.30 36.40
N LEU B 1163 17.43 -16.34 37.06
CA LEU B 1163 16.91 -15.78 38.29
C LEU B 1163 15.49 -15.28 38.11
N HIS B 1164 14.55 -15.96 38.75
CA HIS B 1164 13.15 -15.57 38.74
C HIS B 1164 12.77 -14.73 39.96
N MET B 1165 13.76 -14.35 40.76
CA MET B 1165 13.46 -13.66 42.00
C MET B 1165 13.91 -12.21 42.01
N HIS B 1166 14.64 -11.76 40.99
CA HIS B 1166 15.02 -10.36 40.92
C HIS B 1166 13.82 -9.48 40.57
N GLU B 1167 13.02 -9.90 39.59
CA GLU B 1167 11.82 -9.15 39.25
C GLU B 1167 10.85 -9.12 40.42
N LEU B 1168 10.83 -10.20 41.22
CA LEU B 1168 10.04 -10.17 42.45
C LEU B 1168 10.63 -9.24 43.49
N GLN B 1169 11.96 -9.07 43.51
CA GLN B 1169 12.54 -8.04 44.37
C GLN B 1169 12.11 -6.65 43.95
N GLU B 1170 12.06 -6.39 42.64
CA GLU B 1170 11.52 -5.12 42.17
C GLU B 1170 10.05 -4.97 42.54
N TRP B 1171 9.28 -6.05 42.43
CA TRP B 1171 7.88 -6.03 42.85
C TRP B 1171 7.76 -5.64 44.33
N ARG B 1172 8.52 -6.30 45.20
CA ARG B 1172 8.46 -6.03 46.63
C ARG B 1172 8.96 -4.64 47.00
N ALA B 1173 10.00 -4.14 46.32
CA ALA B 1173 10.47 -2.78 46.57
C ALA B 1173 9.42 -1.76 46.15
N TYR B 1174 8.66 -2.06 45.11
CA TYR B 1174 7.62 -1.16 44.62
C TYR B 1174 6.29 -1.46 45.30
C1 NAG C . -29.82 2.18 -29.48
C2 NAG C . -29.02 1.25 -30.42
C3 NAG C . -29.91 0.58 -31.48
C4 NAG C . -30.84 1.57 -32.21
C5 NAG C . -31.09 2.80 -31.36
C6 NAG C . -32.42 3.45 -31.65
C7 NAG C . -26.76 2.20 -30.44
C8 NAG C . -25.74 2.96 -31.23
N2 NAG C . -27.92 1.97 -31.06
O3 NAG C . -30.70 -0.45 -30.87
O4 NAG C . -30.31 1.93 -33.49
O5 NAG C . -31.11 2.40 -30.00
O6 NAG C . -32.59 4.64 -30.88
O7 NAG C . -26.55 1.82 -29.29
C1 NAG C . -31.22 1.38 -34.46
C2 NAG C . -31.44 2.39 -35.60
C3 NAG C . -32.36 1.79 -36.66
C4 NAG C . -31.85 0.43 -37.12
C5 NAG C . -31.62 -0.49 -35.92
C6 NAG C . -31.00 -1.81 -36.29
C7 NAG C . -31.26 4.75 -34.96
C8 NAG C . -31.98 5.94 -34.43
N2 NAG C . -31.98 3.64 -35.09
O3 NAG C . -32.46 2.67 -37.76
O4 NAG C . -32.79 -0.17 -37.99
O5 NAG C . -30.72 0.15 -35.00
O6 NAG C . -31.50 -2.86 -35.48
O7 NAG C . -30.07 4.78 -35.26
C1 NAG D . -16.15 29.84 -22.75
C2 NAG D . -16.81 31.15 -22.32
C3 NAG D . -15.80 32.30 -22.39
C4 NAG D . -14.56 31.97 -21.58
C5 NAG D . -13.97 30.65 -22.08
C6 NAG D . -12.77 30.20 -21.29
C7 NAG D . -19.22 31.30 -22.73
C8 NAG D . -20.30 31.64 -23.73
N2 NAG D . -17.96 31.43 -23.16
O3 NAG D . -16.43 33.49 -21.89
O4 NAG D . -13.59 33.00 -21.69
O5 NAG D . -14.95 29.63 -21.96
O6 NAG D . -12.27 28.96 -21.78
O7 NAG D . -19.49 30.93 -21.60
C1 NAG D . -13.63 33.84 -20.51
C2 NAG D . -12.24 34.01 -19.94
C3 NAG D . -12.27 34.94 -18.72
C4 NAG D . -12.94 36.26 -19.08
C5 NAG D . -14.31 36.01 -19.70
C6 NAG D . -14.98 37.27 -20.19
C7 NAG D . -10.34 32.45 -19.75
C8 NAG D . -9.90 31.09 -19.33
N2 NAG D . -11.64 32.73 -19.58
O3 NAG D . -10.96 35.17 -18.25
O4 NAG D . -13.10 37.06 -17.91
O5 NAG D . -14.19 35.13 -20.83
O6 NAG D . -15.81 37.01 -21.32
O7 NAG D . -9.56 33.27 -20.23
C1 NAG E . 30.76 -15.86 23.81
C2 NAG E . 30.12 -17.27 23.78
C3 NAG E . 31.14 -18.38 24.10
C4 NAG E . 31.98 -18.09 25.36
C5 NAG E . 32.03 -16.61 25.64
C6 NAG E . 33.29 -16.20 26.37
C7 NAG E . 27.77 -16.88 24.35
C8 NAG E . 26.70 -17.02 25.39
N2 NAG E . 28.98 -17.34 24.68
O3 NAG E . 32.01 -18.57 22.98
O4 NAG E . 31.47 -18.80 26.48
O5 NAG E . 32.04 -15.93 24.39
O6 NAG E . 33.29 -14.80 26.67
O7 NAG E . 27.56 -16.36 23.25
C1 NAG E . 32.49 -19.76 26.83
C2 NAG E . 32.65 -19.84 28.36
C3 NAG E . 33.68 -20.89 28.73
C4 NAG E . 33.36 -22.23 28.08
C5 NAG E . 33.17 -22.05 26.57
C6 NAG E . 32.73 -23.32 25.87
C7 NAG E . 32.15 -17.76 29.56
C8 NAG E . 32.71 -16.46 30.07
N2 NAG E . 33.01 -18.55 28.90
O3 NAG E . 33.72 -21.04 30.14
O4 NAG E . 34.41 -23.15 28.31
O5 NAG E . 32.16 -21.06 26.32
O6 NAG E . 33.32 -23.42 24.58
O7 NAG E . 30.99 -18.08 29.75
C1 NAG F . 13.63 6.64 37.87
C2 NAG F . 14.12 7.93 38.53
C3 NAG F . 12.99 8.57 39.34
C4 NAG F . 11.76 8.77 38.47
C5 NAG F . 11.35 7.42 37.88
C6 NAG F . 10.17 7.52 36.94
C7 NAG F . 16.52 8.03 39.05
C8 NAG F . 17.59 7.69 40.04
N2 NAG F . 15.27 7.68 39.38
O3 NAG F . 13.45 9.83 39.84
O4 NAG F . 10.68 9.30 39.23
O5 NAG F . 12.45 6.90 37.11
O6 NAG F . 9.85 6.25 36.39
O7 NAG F . 16.76 8.59 37.99
C1 NAG F . 10.57 10.72 39.00
C2 NAG F . 9.12 11.09 38.64
C3 NAG F . 9.01 12.60 38.43
C4 NAG F . 9.52 13.34 39.65
C5 NAG F . 10.96 12.89 39.98
C6 NAG F . 11.49 13.51 41.25
C7 NAG F . 7.43 9.90 37.32
C8 NAG F . 7.13 9.19 36.03
N2 NAG F . 8.67 10.37 37.46
O3 NAG F . 7.64 12.93 38.20
O4 NAG F . 9.53 14.74 39.40
O5 NAG F . 10.99 11.46 40.15
O6 NAG F . 12.39 12.62 41.90
O7 NAG F . 6.59 10.04 38.20
C1 NAG G . -14.10 -15.18 18.66
C2 NAG G . -12.94 -16.18 18.53
C3 NAG G . -13.46 -17.50 17.94
C4 NAG G . -14.62 -18.02 18.78
C5 NAG G . -15.70 -16.96 18.92
C6 NAG G . -16.83 -17.38 19.83
C7 NAG G . -10.58 -15.80 17.95
C8 NAG G . -10.24 -16.57 19.20
N2 NAG G . -11.88 -15.65 17.69
O3 NAG G . -12.41 -18.46 17.91
O4 NAG G . -15.17 -19.17 18.16
O5 NAG G . -15.14 -15.76 19.48
O6 NAG G . -17.02 -16.44 20.88
O7 NAG G . -9.70 -15.35 17.23
C1 NAG H . -13.27 -9.03 46.15
C2 NAG H . -13.48 -9.34 47.63
C3 NAG H . -13.42 -8.05 48.45
C4 NAG H . -12.15 -7.27 48.14
C5 NAG H . -11.97 -7.09 46.63
C6 NAG H . -10.66 -6.45 46.25
C7 NAG H . -14.99 -10.76 48.95
C8 NAG H . -16.35 -11.40 49.01
N2 NAG H . -14.74 -10.03 47.85
O3 NAG H . -13.48 -8.34 49.84
O4 NAG H . -12.20 -5.99 48.75
O5 NAG H . -12.02 -8.37 45.97
O6 NAG H . -10.74 -5.80 44.99
O7 NAG H . -14.17 -10.90 49.84
C1 NAG I . -42.34 -7.98 -3.49
C2 NAG I . -43.58 -7.19 -3.92
C3 NAG I . -44.70 -7.41 -2.90
C4 NAG I . -44.95 -8.90 -2.68
C5 NAG I . -43.64 -9.62 -2.34
C6 NAG I . -43.80 -11.12 -2.25
C7 NAG I . -43.80 -4.99 -5.02
C8 NAG I . -44.71 -5.67 -5.99
N2 NAG I . -43.29 -5.77 -4.05
O3 NAG I . -45.89 -6.77 -3.32
O4 NAG I . -45.87 -9.08 -1.61
O5 NAG I . -42.67 -9.36 -3.37
O6 NAG I . -42.69 -11.79 -2.83
O7 NAG I . -43.53 -3.80 -5.08
CA CA J . 1.09 -18.98 29.21
C1 NAG K . 14.86 4.09 -23.26
C2 NAG K . 13.83 3.17 -23.93
C3 NAG K . 14.52 1.89 -24.43
C4 NAG K . 15.70 2.25 -25.32
C5 NAG K . 16.64 3.22 -24.62
C6 NAG K . 17.77 3.70 -25.51
C7 NAG K . 11.47 2.74 -23.37
C8 NAG K . 11.17 3.06 -24.81
N2 NAG K . 12.76 2.82 -23.01
O3 NAG K . 13.60 1.08 -25.12
O4 NAG K . 16.42 1.07 -25.67
O5 NAG K . 15.92 4.39 -24.20
O6 NAG K . 17.79 5.12 -25.57
O7 NAG K . 10.59 2.46 -22.58
C1 NAG L . 11.98 27.68 -38.43
C2 NAG L . 12.15 28.53 -39.67
C3 NAG L . 11.91 30.00 -39.34
C4 NAG L . 10.56 30.17 -38.63
C5 NAG L . 10.45 29.22 -37.45
C6 NAG L . 9.08 29.24 -36.80
C7 NAG L . 13.75 28.64 -41.53
C8 NAG L . 15.17 28.39 -41.96
N2 NAG L . 13.47 28.35 -40.26
O3 NAG L . 11.93 30.78 -40.52
O4 NAG L . 10.44 31.51 -38.17
O5 NAG L . 10.68 27.87 -37.88
O6 NAG L . 9.15 28.82 -35.44
O7 NAG L . 12.91 29.08 -42.31
C1 NAG M . 43.11 -3.18 -1.13
C2 NAG M . 44.27 -2.78 -0.22
C3 NAG M . 45.35 -2.08 -1.04
C4 NAG M . 45.76 -2.95 -2.23
C5 NAG M . 44.54 -3.36 -3.04
C6 NAG M . 44.86 -4.33 -4.16
C7 NAG M . 44.28 -1.99 2.11
C8 NAG M . 45.31 -3.05 2.38
N2 NAG M . 43.82 -1.91 0.86
O3 NAG M . 46.48 -1.80 -0.23
O4 NAG M . 46.65 -2.21 -3.07
O5 NAG M . 43.59 -4.01 -2.19
O6 NAG M . 43.86 -5.34 -4.27
O7 NAG M . 43.87 -1.24 2.99
CA CA N . -0.28 7.09 -34.14
#